data_5HLB
#
_entry.id   5HLB
#
_cell.length_a   62.530
_cell.length_b   64.390
_cell.length_c   301.400
_cell.angle_alpha   90.00
_cell.angle_beta   90.00
_cell.angle_gamma   90.00
#
_symmetry.space_group_name_H-M   'P 2 21 21'
#
loop_
_entity.id
_entity.type
_entity.pdbx_description
1 polymer 'Penicillin-binding protein 1B'
2 non-polymer MOENOMYCIN
3 non-polymer '2-({[(1Z)-1-(2-amino-1,3-thiazol-4-yl)-2-oxo-2-{[(2S,3S)-1-oxo-3-(sulfoamino)butan-2-yl]amino}ethylidene]amino}oxy)-2-methylpropanoic acid'
4 water water
#
_entity_poly.entity_id   1
_entity_poly.type   'polypeptide(L)'
_entity_poly.pdbx_seq_one_letter_code
;KPRGKRGWLWLLLKLAIVFAVLIAIYGVYLDQKIRSRIDGKVWQLPAAVYGRMVNLEPDMTISKNEMVKLLEATQYRQVS
KMTRPGEFTVQANSIEMIRRPFDFPDSKEGQVRARLTFDGDHLATIVNMENNRQFGFFRLDPRLITMISSPNGEQRLFVP
RSGFPDLLVDTLLATEDRHFYEHDGISLYSIGRAVLANLTAGRTVQGASTLTQQLVKNLFLSSERSYWRKANEAYMALIM
DARYSKDRILELYMNEVYLGQSGDNEIRGFPLASLYYFGRPVEELSLDQQALLVGMVKGASIYNPWRNPKLALERRNLVL
RLLQQQQIIDQELYDMLSARPLGVQPRGGVISPQPAFMQLVRQELQAKLGDKVKDLSGVKIFTTFDSVAQDAAEKAAVEG
IPALKKQRKLSDLETAIVVVDRFSGEVRAMVGGSEPQFAGYNRAMQARRSIGSLAKPATYLTALSQPKIYRLNTWIADAP
IALRQPNGQVWSPQNDDRRYSESGRVMLVDALTRSMNVPTVNLGMALGLPAVTETWIKLGVPKDQLHPVPAMLLGALNLT
PIEVAQAFQTIASGGNRAPLSALRSVIAEDGKVLYQSFPQAERAVPAQAAYLTLWTMQQVVQRGTGRQLGAKYPNLHLAG
KTGTTNNNVDTWFAGIDGSTVTITWVGRDNNQPTKLYGASGAMSIYQRYLANQTPTPLNLVPPEDIADMGVDYDGNFVCS
GGMRILPVWTSDPQSLCQQSEMQQQPS
;
_entity_poly.pdbx_strand_id   A
#
loop_
_chem_comp.id
_chem_comp.type
_chem_comp.name
_chem_comp.formula
AZR non-polymer '2-({[(1Z)-1-(2-amino-1,3-thiazol-4-yl)-2-oxo-2-{[(2S,3S)-1-oxo-3-(sulfoamino)butan-2-yl]amino}ethylidene]amino}oxy)-2-methylpropanoic acid' 'C13 H19 N5 O8 S2'
M0E non-polymer MOENOMYCIN 'C69 H106 N5 O34 P'
#
# COMPACT_ATOMS: atom_id res chain seq x y z
N TRP A 10 -5.82 -56.32 -51.35
CA TRP A 10 -5.17 -57.26 -50.46
C TRP A 10 -5.97 -57.86 -49.25
N LEU A 11 -6.65 -57.08 -48.38
CA LEU A 11 -6.79 -55.61 -48.40
C LEU A 11 -6.59 -54.84 -47.09
N LEU A 12 -5.37 -54.83 -46.58
CA LEU A 12 -5.05 -54.08 -45.37
C LEU A 12 -4.86 -52.61 -45.69
N LEU A 13 -4.85 -52.28 -46.98
CA LEU A 13 -4.69 -50.91 -47.43
C LEU A 13 -6.03 -50.20 -47.51
N LYS A 14 -7.00 -50.83 -48.17
CA LYS A 14 -8.33 -50.26 -48.31
C LYS A 14 -8.82 -49.73 -46.98
N LEU A 15 -8.88 -50.60 -45.98
CA LEU A 15 -9.30 -50.21 -44.63
C LEU A 15 -8.21 -49.48 -43.83
N ALA A 16 -6.92 -49.80 -44.09
CA ALA A 16 -5.78 -49.14 -43.46
C ALA A 16 -5.67 -47.71 -43.97
N ILE A 17 -6.19 -47.46 -45.20
CA ILE A 17 -6.28 -46.14 -45.81
C ILE A 17 -7.45 -45.39 -45.18
N VAL A 18 -8.55 -46.13 -44.84
CA VAL A 18 -9.73 -45.57 -44.15
C VAL A 18 -9.29 -45.08 -42.75
N PHE A 19 -8.28 -45.73 -42.12
CA PHE A 19 -7.73 -45.27 -40.84
C PHE A 19 -7.12 -43.87 -41.02
N ALA A 20 -6.29 -43.66 -42.07
CA ALA A 20 -5.64 -42.38 -42.41
C ALA A 20 -6.63 -41.23 -42.48
N VAL A 21 -7.73 -41.42 -43.23
CA VAL A 21 -8.81 -40.44 -43.46
C VAL A 21 -9.34 -39.78 -42.16
N LEU A 22 -10.07 -40.54 -41.30
CA LEU A 22 -10.63 -39.99 -40.05
C LEU A 22 -9.68 -39.46 -38.97
N ILE A 23 -8.38 -39.85 -39.01
CA ILE A 23 -7.40 -39.35 -38.04
C ILE A 23 -6.85 -37.99 -38.47
N ALA A 24 -6.89 -37.70 -39.79
CA ALA A 24 -6.49 -36.42 -40.41
C ALA A 24 -7.63 -35.42 -40.23
N ILE A 25 -8.90 -35.91 -40.30
CA ILE A 25 -10.10 -35.09 -40.08
C ILE A 25 -10.30 -34.86 -38.56
N TYR A 26 -9.70 -35.76 -37.73
CA TYR A 26 -9.62 -35.62 -36.28
C TYR A 26 -8.61 -34.50 -36.01
N GLY A 27 -7.59 -34.43 -36.87
CA GLY A 27 -6.57 -33.40 -36.87
C GLY A 27 -7.11 -32.03 -37.28
N VAL A 28 -8.15 -32.02 -38.16
CA VAL A 28 -8.81 -30.77 -38.57
C VAL A 28 -9.95 -30.41 -37.57
N TYR A 29 -10.23 -31.31 -36.60
CA TYR A 29 -11.16 -31.07 -35.49
C TYR A 29 -10.33 -30.46 -34.37
N LEU A 30 -9.02 -30.81 -34.33
CA LEU A 30 -8.03 -30.34 -33.38
C LEU A 30 -7.54 -28.92 -33.74
N ASP A 31 -7.23 -28.65 -35.04
CA ASP A 31 -6.77 -27.33 -35.52
C ASP A 31 -7.86 -26.26 -35.33
N GLN A 32 -9.11 -26.59 -35.68
CA GLN A 32 -10.31 -25.76 -35.57
C GLN A 32 -10.63 -25.41 -34.08
N LYS A 33 -10.11 -26.21 -33.12
CA LYS A 33 -10.31 -26.01 -31.68
C LYS A 33 -9.09 -25.40 -30.95
N ILE A 34 -7.88 -25.52 -31.54
CA ILE A 34 -6.65 -24.92 -31.01
C ILE A 34 -6.69 -23.40 -31.28
N ARG A 35 -7.22 -23.00 -32.47
CA ARG A 35 -7.42 -21.62 -32.89
C ARG A 35 -8.35 -20.92 -31.90
N SER A 36 -9.53 -21.52 -31.61
CA SER A 36 -10.55 -21.04 -30.65
C SER A 36 -9.93 -20.58 -29.32
N ARG A 37 -8.92 -21.31 -28.83
CA ARG A 37 -8.20 -21.01 -27.60
C ARG A 37 -7.22 -19.85 -27.81
N ILE A 38 -6.27 -20.01 -28.75
CA ILE A 38 -5.21 -19.05 -29.08
C ILE A 38 -5.70 -17.73 -29.70
N ASP A 39 -6.49 -17.79 -30.80
CA ASP A 39 -7.00 -16.59 -31.48
C ASP A 39 -8.02 -15.83 -30.60
N GLY A 40 -7.48 -15.19 -29.55
CA GLY A 40 -8.23 -14.46 -28.54
C GLY A 40 -7.84 -14.86 -27.13
N LYS A 41 -8.85 -15.05 -26.26
CA LYS A 41 -8.67 -15.38 -24.83
C LYS A 41 -7.99 -16.71 -24.54
N VAL A 42 -6.68 -16.66 -24.22
CA VAL A 42 -5.89 -17.84 -23.87
C VAL A 42 -6.18 -18.17 -22.39
N TRP A 43 -6.22 -17.12 -21.53
CA TRP A 43 -6.51 -17.24 -20.08
C TRP A 43 -7.31 -16.07 -19.55
N GLN A 44 -7.83 -16.24 -18.31
CA GLN A 44 -8.50 -15.16 -17.59
C GLN A 44 -7.41 -14.52 -16.75
N LEU A 45 -6.80 -13.44 -17.28
CA LEU A 45 -5.71 -12.74 -16.61
C LEU A 45 -6.22 -11.88 -15.45
N PRO A 46 -5.86 -12.23 -14.18
CA PRO A 46 -6.34 -11.45 -13.03
C PRO A 46 -5.82 -10.01 -12.98
N ALA A 47 -6.53 -9.14 -12.24
CA ALA A 47 -6.22 -7.74 -12.09
C ALA A 47 -4.88 -7.48 -11.41
N ALA A 48 -4.15 -6.47 -11.89
CA ALA A 48 -2.86 -6.06 -11.34
C ALA A 48 -3.11 -4.89 -10.38
N VAL A 49 -2.62 -4.99 -9.14
CA VAL A 49 -2.82 -3.93 -8.12
C VAL A 49 -1.49 -3.23 -7.86
N TYR A 50 -1.43 -1.92 -8.13
CA TYR A 50 -0.21 -1.12 -7.97
C TYR A 50 -0.31 -0.07 -6.88
N GLY A 51 0.83 0.27 -6.30
CA GLY A 51 0.93 1.34 -5.30
C GLY A 51 0.99 2.68 -5.97
N ARG A 52 1.25 3.75 -5.20
CA ARG A 52 1.35 5.11 -5.74
C ARG A 52 2.49 5.28 -6.78
N MET A 53 2.30 6.21 -7.73
CA MET A 53 3.32 6.54 -8.73
C MET A 53 3.86 7.90 -8.34
N VAL A 54 5.08 7.91 -7.78
CA VAL A 54 5.75 9.10 -7.29
C VAL A 54 6.44 9.86 -8.43
N ASN A 55 6.24 11.18 -8.46
CA ASN A 55 6.88 12.03 -9.45
C ASN A 55 7.96 12.82 -8.74
N LEU A 56 9.23 12.59 -9.12
CA LEU A 56 10.38 13.31 -8.58
C LEU A 56 10.46 14.61 -9.37
N GLU A 57 10.78 15.72 -8.69
CA GLU A 57 10.76 17.05 -9.26
C GLU A 57 11.89 17.88 -8.66
N PRO A 58 12.66 18.70 -9.43
CA PRO A 58 13.70 19.54 -8.80
C PRO A 58 13.13 20.46 -7.70
N ASP A 59 13.93 20.75 -6.65
CA ASP A 59 13.57 21.57 -5.46
C ASP A 59 12.60 20.88 -4.46
N MET A 60 12.21 19.62 -4.75
CA MET A 60 11.34 18.75 -3.93
C MET A 60 11.99 18.51 -2.56
N THR A 61 11.21 18.66 -1.48
CA THR A 61 11.71 18.48 -0.11
C THR A 61 11.93 16.98 0.23
N ILE A 62 12.98 16.38 -0.37
CA ILE A 62 13.39 14.97 -0.20
C ILE A 62 14.94 14.86 -0.11
N SER A 63 15.43 14.09 0.87
CA SER A 63 16.87 13.89 1.09
C SER A 63 17.36 12.56 0.49
N LYS A 64 18.71 12.42 0.36
CA LYS A 64 19.37 11.24 -0.18
C LYS A 64 19.01 9.96 0.57
N ASN A 65 18.94 10.03 1.91
CA ASN A 65 18.59 8.91 2.78
C ASN A 65 17.12 8.49 2.62
N GLU A 66 16.23 9.49 2.45
CA GLU A 66 14.79 9.33 2.27
C GLU A 66 14.51 8.62 0.94
N MET A 67 15.24 9.04 -0.12
CA MET A 67 15.17 8.52 -1.50
C MET A 67 15.65 7.06 -1.60
N VAL A 68 16.71 6.68 -0.85
CA VAL A 68 17.25 5.30 -0.81
C VAL A 68 16.15 4.36 -0.31
N LYS A 69 15.54 4.71 0.83
CA LYS A 69 14.43 4.01 1.46
C LYS A 69 13.21 3.97 0.51
N LEU A 70 12.95 5.07 -0.24
CA LEU A 70 11.86 5.15 -1.24
C LEU A 70 12.14 4.16 -2.38
N LEU A 71 13.38 4.17 -2.90
CA LEU A 71 13.83 3.29 -3.98
C LEU A 71 13.77 1.81 -3.55
N GLU A 72 14.31 1.49 -2.35
CA GLU A 72 14.31 0.13 -1.79
C GLU A 72 12.88 -0.40 -1.65
N ALA A 73 11.96 0.48 -1.19
CA ALA A 73 10.52 0.23 -1.02
C ALA A 73 9.80 0.00 -2.35
N THR A 74 10.43 0.36 -3.49
CA THR A 74 9.88 0.22 -4.84
C THR A 74 10.60 -0.88 -5.67
N GLN A 75 11.19 -1.88 -4.97
CA GLN A 75 11.92 -3.04 -5.52
C GLN A 75 13.27 -2.70 -6.21
N TYR A 76 13.95 -1.63 -5.78
CA TYR A 76 15.25 -1.22 -6.30
C TYR A 76 16.37 -1.76 -5.41
N ARG A 77 17.45 -2.27 -6.02
CA ARG A 77 18.57 -2.90 -5.30
C ARG A 77 19.81 -2.03 -5.28
N GLN A 78 20.43 -1.87 -4.10
CA GLN A 78 21.67 -1.11 -4.00
C GLN A 78 22.83 -2.00 -4.44
N VAL A 79 23.64 -1.49 -5.38
CA VAL A 79 24.83 -2.16 -5.95
C VAL A 79 26.00 -1.16 -5.96
N SER A 80 27.18 -1.58 -6.46
CA SER A 80 28.35 -0.70 -6.60
C SER A 80 28.60 -0.38 -8.07
N LYS A 81 28.14 -1.29 -8.94
CA LYS A 81 28.21 -1.19 -10.39
C LYS A 81 26.88 -1.57 -11.01
N MET A 82 26.10 -0.57 -11.45
CA MET A 82 24.81 -0.77 -12.12
C MET A 82 25.01 -1.45 -13.46
N THR A 83 24.37 -2.61 -13.63
CA THR A 83 24.45 -3.41 -14.86
C THR A 83 23.05 -3.73 -15.37
N ARG A 84 22.07 -3.67 -14.46
CA ARG A 84 20.67 -4.00 -14.72
C ARG A 84 19.66 -2.90 -14.43
N PRO A 85 18.46 -2.96 -15.07
CA PRO A 85 17.39 -2.02 -14.67
C PRO A 85 16.92 -2.41 -13.26
N GLY A 86 16.43 -1.43 -12.50
CA GLY A 86 15.99 -1.67 -11.14
C GLY A 86 17.14 -1.77 -10.14
N GLU A 87 18.23 -1.04 -10.40
CA GLU A 87 19.41 -0.96 -9.53
C GLU A 87 19.77 0.51 -9.24
N PHE A 88 20.53 0.76 -8.16
CA PHE A 88 20.98 2.10 -7.79
C PHE A 88 22.30 2.12 -7.00
N THR A 89 23.14 3.16 -7.25
CA THR A 89 24.39 3.35 -6.52
C THR A 89 24.25 4.61 -5.66
N VAL A 90 25.01 4.70 -4.56
CA VAL A 90 24.94 5.85 -3.66
C VAL A 90 26.33 6.51 -3.53
N GLN A 91 26.39 7.84 -3.71
CA GLN A 91 27.59 8.67 -3.60
C GLN A 91 27.39 9.63 -2.42
N ALA A 92 28.34 10.57 -2.16
CA ALA A 92 28.23 11.51 -1.04
C ALA A 92 27.08 12.51 -1.18
N ASN A 93 26.84 13.03 -2.40
CA ASN A 93 25.78 14.01 -2.68
C ASN A 93 24.80 13.62 -3.81
N SER A 94 24.78 12.32 -4.23
CA SER A 94 23.85 11.88 -5.28
C SER A 94 23.46 10.39 -5.25
N ILE A 95 22.50 10.02 -6.12
CA ILE A 95 22.04 8.64 -6.32
C ILE A 95 21.98 8.44 -7.83
N GLU A 96 22.56 7.33 -8.29
CA GLU A 96 22.56 6.96 -9.71
C GLU A 96 21.71 5.71 -9.84
N MET A 97 20.68 5.75 -10.69
CA MET A 97 19.72 4.65 -10.81
C MET A 97 19.32 4.32 -12.25
N ILE A 98 18.82 3.09 -12.47
CA ILE A 98 18.26 2.67 -13.75
C ILE A 98 16.78 2.45 -13.52
N ARG A 99 15.98 3.51 -13.78
CA ARG A 99 14.53 3.50 -13.63
C ARG A 99 13.99 2.52 -14.66
N ARG A 100 13.48 1.37 -14.17
CA ARG A 100 12.99 0.26 -14.99
C ARG A 100 11.89 0.66 -15.99
N PRO A 101 11.70 -0.07 -17.12
CA PRO A 101 10.62 0.30 -18.02
C PRO A 101 9.26 0.01 -17.38
N PHE A 102 8.33 0.98 -17.48
CA PHE A 102 6.98 0.82 -16.96
C PHE A 102 5.95 1.43 -17.89
N ASP A 103 4.84 0.68 -18.12
CA ASP A 103 3.72 1.07 -18.95
C ASP A 103 2.87 2.10 -18.19
N PHE A 104 3.36 3.35 -18.09
CA PHE A 104 2.69 4.43 -17.37
C PHE A 104 1.40 4.86 -18.09
N PRO A 105 0.27 5.01 -17.35
CA PRO A 105 -0.99 5.42 -18.00
C PRO A 105 -0.85 6.68 -18.87
N ASP A 106 -0.15 7.70 -18.34
CA ASP A 106 0.10 8.98 -19.00
C ASP A 106 0.96 8.88 -20.28
N SER A 107 2.02 8.03 -20.26
CA SER A 107 2.92 7.79 -21.39
C SER A 107 3.79 6.56 -21.11
N LYS A 108 3.90 5.62 -22.08
CA LYS A 108 4.74 4.43 -21.91
C LYS A 108 6.23 4.84 -21.94
N GLU A 109 7.06 4.22 -21.09
CA GLU A 109 8.49 4.57 -20.98
C GLU A 109 9.39 3.33 -20.93
N GLY A 110 10.64 3.52 -21.35
CA GLY A 110 11.70 2.51 -21.31
C GLY A 110 12.67 2.83 -20.18
N GLN A 111 13.82 2.14 -20.14
CA GLN A 111 14.88 2.34 -19.14
C GLN A 111 15.42 3.77 -19.18
N VAL A 112 15.74 4.35 -18.01
CA VAL A 112 16.35 5.68 -17.91
C VAL A 112 17.48 5.65 -16.87
N ARG A 113 18.72 5.89 -17.32
CA ARG A 113 19.88 5.95 -16.44
C ARG A 113 19.94 7.39 -15.93
N ALA A 114 19.62 7.60 -14.65
CA ALA A 114 19.54 8.96 -14.11
C ALA A 114 20.35 9.19 -12.86
N ARG A 115 20.77 10.46 -12.64
CA ARG A 115 21.48 10.92 -11.45
C ARG A 115 20.59 11.94 -10.76
N LEU A 116 20.35 11.72 -9.46
CA LEU A 116 19.55 12.55 -8.59
C LEU A 116 20.54 13.28 -7.68
N THR A 117 20.80 14.57 -7.96
CA THR A 117 21.76 15.34 -7.17
C THR A 117 21.04 16.06 -6.01
N PHE A 118 21.52 15.83 -4.78
CA PHE A 118 20.93 16.40 -3.57
C PHE A 118 21.76 17.57 -3.03
N ASP A 119 21.09 18.46 -2.27
CA ASP A 119 21.61 19.62 -1.56
C ASP A 119 20.66 19.73 -0.36
N GLY A 120 20.91 18.86 0.64
CA GLY A 120 20.14 18.68 1.87
C GLY A 120 19.36 19.88 2.37
N ASP A 121 18.04 19.71 2.66
CA ASP A 121 17.25 18.48 2.61
C ASP A 121 16.39 18.38 1.34
N HIS A 122 16.83 19.01 0.23
CA HIS A 122 16.07 18.98 -1.02
C HIS A 122 16.81 18.41 -2.23
N LEU A 123 16.05 17.84 -3.19
CA LEU A 123 16.54 17.31 -4.46
C LEU A 123 16.82 18.53 -5.33
N ALA A 124 18.00 18.64 -5.93
CA ALA A 124 18.31 19.79 -6.76
C ALA A 124 18.05 19.53 -8.25
N THR A 125 18.60 18.42 -8.78
CA THR A 125 18.48 18.03 -10.19
C THR A 125 18.26 16.53 -10.39
N ILE A 126 17.58 16.18 -11.48
CA ILE A 126 17.40 14.82 -11.95
C ILE A 126 17.89 14.90 -13.39
N VAL A 127 19.12 14.42 -13.64
CA VAL A 127 19.80 14.47 -14.94
C VAL A 127 19.87 13.10 -15.59
N ASN A 128 19.60 13.04 -16.91
CA ASN A 128 19.70 11.85 -17.75
C ASN A 128 21.19 11.70 -18.04
N MET A 129 21.78 10.57 -17.61
CA MET A 129 23.22 10.32 -17.72
C MET A 129 23.69 10.02 -19.15
N GLU A 130 22.74 9.84 -20.09
CA GLU A 130 22.96 9.52 -21.49
C GLU A 130 23.04 10.76 -22.41
N ASN A 131 22.48 11.91 -21.98
CA ASN A 131 22.50 13.16 -22.77
C ASN A 131 22.91 14.41 -21.98
N ASN A 132 23.13 14.25 -20.64
CA ASN A 132 23.49 15.30 -19.68
C ASN A 132 22.41 16.40 -19.53
N ARG A 133 21.14 16.03 -19.78
CA ARG A 133 20.01 16.95 -19.70
C ARG A 133 19.11 16.78 -18.48
N GLN A 134 18.67 17.91 -17.93
CA GLN A 134 17.79 18.00 -16.78
C GLN A 134 16.35 17.65 -17.10
N PHE A 135 15.69 16.95 -16.17
CA PHE A 135 14.29 16.57 -16.30
C PHE A 135 13.44 17.57 -15.48
N GLY A 136 12.39 18.10 -16.11
CA GLY A 136 11.41 18.98 -15.47
C GLY A 136 10.69 18.23 -14.36
N PHE A 137 10.44 16.91 -14.60
CA PHE A 137 9.90 15.92 -13.67
C PHE A 137 10.30 14.51 -14.11
N PHE A 138 10.57 13.63 -13.13
CA PHE A 138 11.00 12.24 -13.32
C PHE A 138 10.03 11.30 -12.63
N ARG A 139 9.46 10.37 -13.40
CA ARG A 139 8.47 9.42 -12.92
C ARG A 139 9.10 8.21 -12.24
N LEU A 140 8.54 7.79 -11.10
CA LEU A 140 8.95 6.57 -10.41
C LEU A 140 7.86 5.55 -10.71
N ASP A 141 8.25 4.33 -11.09
CA ASP A 141 7.35 3.21 -11.41
C ASP A 141 6.64 2.72 -10.14
N PRO A 142 5.36 2.28 -10.19
CA PRO A 142 4.71 1.82 -8.95
C PRO A 142 5.12 0.42 -8.56
N ARG A 143 4.99 0.08 -7.27
CA ARG A 143 5.29 -1.27 -6.81
C ARG A 143 4.02 -2.10 -6.88
N LEU A 144 4.14 -3.37 -7.33
CA LEU A 144 3.01 -4.29 -7.38
C LEU A 144 2.73 -4.78 -5.96
N ILE A 145 1.52 -4.47 -5.45
CA ILE A 145 1.11 -4.86 -4.11
C ILE A 145 0.68 -6.32 -4.14
N THR A 146 -0.31 -6.64 -5.02
CA THR A 146 -0.93 -7.97 -5.16
C THR A 146 -1.66 -8.16 -6.49
N MET A 147 -2.36 -9.31 -6.61
CA MET A 147 -3.22 -9.69 -7.72
C MET A 147 -4.58 -10.07 -7.11
N ILE A 148 -5.69 -9.57 -7.69
CA ILE A 148 -7.02 -9.94 -7.20
C ILE A 148 -7.32 -11.34 -7.73
N SER A 149 -7.50 -12.31 -6.81
CA SER A 149 -7.72 -13.74 -7.09
C SER A 149 -8.67 -14.01 -8.24
N SER A 150 -8.21 -14.81 -9.22
CA SER A 150 -9.02 -15.20 -10.39
C SER A 150 -9.83 -16.47 -9.99
N PRO A 151 -11.12 -16.58 -10.40
CA PRO A 151 -11.94 -17.72 -9.96
C PRO A 151 -11.42 -19.13 -10.19
N ASN A 152 -10.89 -19.45 -11.41
CA ASN A 152 -10.34 -20.78 -11.71
C ASN A 152 -9.01 -21.09 -11.01
N GLY A 153 -8.62 -20.21 -10.08
CA GLY A 153 -7.46 -20.33 -9.21
C GLY A 153 -6.10 -20.34 -9.86
N GLU A 154 -5.99 -19.78 -11.08
CA GLU A 154 -4.73 -19.71 -11.82
C GLU A 154 -4.26 -18.25 -11.89
N GLN A 155 -3.06 -17.97 -11.33
CA GLN A 155 -2.52 -16.61 -11.33
C GLN A 155 -1.40 -16.42 -12.36
N ARG A 156 -1.53 -15.38 -13.19
CA ARG A 156 -0.58 -15.05 -14.25
C ARG A 156 -0.40 -13.55 -14.43
N LEU A 157 0.81 -13.14 -14.84
CA LEU A 157 1.15 -11.77 -15.20
C LEU A 157 1.74 -11.86 -16.60
N PHE A 158 0.93 -11.51 -17.62
CA PHE A 158 1.34 -11.58 -19.01
C PHE A 158 2.44 -10.62 -19.38
N VAL A 159 3.54 -11.19 -19.87
CA VAL A 159 4.71 -10.51 -20.38
C VAL A 159 4.87 -10.99 -21.84
N PRO A 160 5.03 -10.06 -22.82
CA PRO A 160 5.21 -10.51 -24.22
C PRO A 160 6.54 -11.23 -24.45
N ARG A 161 6.81 -11.66 -25.69
CA ARG A 161 8.02 -12.41 -26.06
C ARG A 161 9.33 -11.64 -25.78
N SER A 162 9.35 -10.35 -26.13
CA SER A 162 10.46 -9.39 -25.99
C SER A 162 10.79 -8.99 -24.56
N GLY A 163 9.85 -9.19 -23.65
CA GLY A 163 10.03 -8.92 -22.22
C GLY A 163 10.95 -9.95 -21.59
N PHE A 164 11.06 -11.14 -22.24
CA PHE A 164 11.92 -12.22 -21.80
C PHE A 164 13.34 -12.06 -22.33
N PRO A 165 14.36 -11.99 -21.44
CA PRO A 165 15.75 -11.84 -21.92
C PRO A 165 16.20 -13.08 -22.68
N ASP A 166 17.05 -12.89 -23.71
CA ASP A 166 17.59 -13.97 -24.55
C ASP A 166 18.36 -15.04 -23.76
N LEU A 167 18.91 -14.66 -22.58
CA LEU A 167 19.64 -15.54 -21.67
C LEU A 167 18.74 -16.59 -21.00
N LEU A 168 17.61 -16.15 -20.39
CA LEU A 168 16.60 -17.01 -19.74
C LEU A 168 16.02 -17.99 -20.78
N VAL A 169 15.87 -17.51 -22.03
CA VAL A 169 15.42 -18.25 -23.20
C VAL A 169 16.43 -19.39 -23.49
N ASP A 170 17.74 -19.09 -23.44
CA ASP A 170 18.82 -20.07 -23.63
C ASP A 170 18.88 -21.06 -22.47
N THR A 171 18.88 -20.54 -21.21
CA THR A 171 18.89 -21.34 -19.96
C THR A 171 17.76 -22.38 -19.99
N LEU A 172 16.58 -21.99 -20.54
CA LEU A 172 15.43 -22.87 -20.73
C LEU A 172 15.72 -23.94 -21.80
N LEU A 173 16.24 -23.54 -22.98
CA LEU A 173 16.55 -24.46 -24.08
C LEU A 173 17.67 -25.44 -23.71
N ALA A 174 18.61 -25.00 -22.86
CA ALA A 174 19.72 -25.79 -22.34
C ALA A 174 19.24 -26.91 -21.41
N THR A 175 17.95 -26.85 -20.98
CA THR A 175 17.33 -27.85 -20.10
C THR A 175 16.28 -28.72 -20.79
N GLU A 176 15.43 -28.12 -21.66
CA GLU A 176 14.34 -28.87 -22.29
C GLU A 176 14.33 -28.94 -23.85
N ASP A 177 15.35 -28.44 -24.61
CA ASP A 177 15.30 -28.47 -26.10
C ASP A 177 16.60 -28.31 -26.96
N ARG A 178 16.41 -28.31 -28.31
CA ARG A 178 17.35 -28.07 -29.41
C ARG A 178 16.67 -27.07 -30.37
N HIS A 179 15.31 -27.20 -30.46
CA HIS A 179 14.31 -26.39 -31.17
C HIS A 179 14.32 -26.33 -32.71
N PHE A 180 14.42 -27.50 -33.37
CA PHE A 180 14.38 -27.66 -34.84
C PHE A 180 13.14 -28.61 -35.15
N TYR A 181 11.97 -28.27 -34.62
CA TYR A 181 10.94 -29.23 -34.25
C TYR A 181 9.71 -29.35 -35.05
N GLU A 182 8.85 -30.32 -34.72
CA GLU A 182 7.60 -30.41 -35.44
C GLU A 182 7.96 -30.68 -36.88
N HIS A 183 8.11 -31.93 -37.23
CA HIS A 183 7.99 -33.06 -36.33
C HIS A 183 8.80 -32.94 -35.04
N ASP A 184 8.18 -33.36 -33.94
CA ASP A 184 8.81 -33.33 -32.61
C ASP A 184 9.63 -34.59 -32.28
N GLY A 185 10.94 -34.53 -32.50
CA GLY A 185 11.83 -35.64 -32.20
C GLY A 185 11.35 -37.06 -32.45
N ILE A 186 10.88 -37.32 -33.68
CA ILE A 186 10.45 -38.66 -34.06
C ILE A 186 11.42 -39.75 -33.60
N SER A 187 12.70 -39.40 -33.54
CA SER A 187 13.74 -40.31 -33.07
C SER A 187 13.77 -40.42 -31.54
N LEU A 188 13.27 -39.39 -30.79
CA LEU A 188 13.22 -39.43 -29.31
C LEU A 188 12.29 -40.56 -28.84
N TYR A 189 11.14 -40.76 -29.52
CA TYR A 189 10.15 -41.82 -29.25
C TYR A 189 10.77 -43.19 -29.44
N SER A 190 11.69 -43.32 -30.41
CA SER A 190 12.39 -44.56 -30.72
C SER A 190 13.41 -44.90 -29.64
N ILE A 191 14.09 -43.88 -29.07
CA ILE A 191 15.08 -44.03 -27.99
C ILE A 191 14.35 -44.05 -26.64
N GLY A 192 13.51 -43.03 -26.40
CA GLY A 192 12.70 -42.88 -25.20
C GLY A 192 11.99 -44.15 -24.78
N ARG A 193 11.47 -44.90 -25.77
CA ARG A 193 10.79 -46.17 -25.55
C ARG A 193 11.76 -47.38 -25.67
N ALA A 194 12.92 -47.20 -26.35
CA ALA A 194 13.92 -48.28 -26.47
C ALA A 194 14.83 -48.38 -25.26
N VAL A 195 15.21 -47.24 -24.62
CA VAL A 195 16.06 -47.17 -23.42
C VAL A 195 15.52 -48.08 -22.30
N LEU A 196 14.23 -47.92 -21.94
CA LEU A 196 13.52 -48.72 -20.92
C LEU A 196 13.43 -50.22 -21.27
N ALA A 197 13.69 -50.56 -22.56
CA ALA A 197 13.62 -51.89 -23.18
C ALA A 197 12.18 -52.44 -23.13
N ASN A 198 11.22 -51.56 -23.47
CA ASN A 198 9.76 -51.78 -23.52
C ASN A 198 9.22 -52.43 -22.23
N LEU A 199 8.66 -53.62 -22.33
CA LEU A 199 8.15 -54.34 -21.18
C LEU A 199 7.19 -53.44 -20.42
N THR A 200 6.01 -53.22 -20.99
CA THR A 200 5.02 -52.34 -20.38
C THR A 200 5.95 -51.15 -20.42
N ALA A 201 6.36 -50.70 -19.24
CA ALA A 201 6.99 -49.40 -19.02
C ALA A 201 8.51 -49.54 -18.90
N GLY A 202 9.18 -48.39 -18.78
CA GLY A 202 8.46 -47.12 -18.78
C GLY A 202 9.20 -46.07 -17.97
N ARG A 203 10.00 -46.54 -16.98
CA ARG A 203 10.81 -45.70 -16.09
C ARG A 203 12.29 -45.99 -16.40
N THR A 204 13.03 -45.03 -17.01
CA THR A 204 12.57 -43.68 -17.38
C THR A 204 12.31 -43.56 -18.91
N VAL A 205 11.34 -42.71 -19.21
CA VAL A 205 10.80 -42.47 -20.54
C VAL A 205 11.71 -41.84 -21.58
N GLN A 206 12.39 -40.72 -21.30
CA GLN A 206 12.86 -40.17 -20.03
C GLN A 206 12.81 -38.65 -20.21
N GLY A 207 11.59 -38.12 -20.19
CA GLY A 207 11.35 -36.72 -20.47
C GLY A 207 11.33 -36.51 -21.96
N ALA A 208 10.67 -37.44 -22.69
CA ALA A 208 10.54 -37.41 -24.15
C ALA A 208 9.40 -36.46 -24.52
N SER A 209 9.68 -35.15 -24.43
CA SER A 209 8.72 -34.08 -24.71
C SER A 209 9.36 -32.77 -25.20
N THR A 210 8.96 -32.30 -26.39
CA THR A 210 9.42 -31.03 -26.95
C THR A 210 8.71 -29.88 -26.20
N LEU A 211 9.19 -28.59 -26.35
CA LEU A 211 8.52 -27.46 -25.67
C LEU A 211 7.05 -27.33 -26.15
N THR A 212 6.80 -27.62 -27.45
CA THR A 212 5.48 -27.61 -28.08
C THR A 212 4.56 -28.76 -27.58
N GLN A 213 5.16 -29.87 -27.06
CA GLN A 213 4.46 -31.02 -26.45
C GLN A 213 4.09 -30.67 -25.00
N GLN A 214 5.02 -29.98 -24.28
CA GLN A 214 4.85 -29.55 -22.90
C GLN A 214 3.76 -28.49 -22.79
N LEU A 215 3.70 -27.57 -23.79
CA LEU A 215 2.72 -26.50 -23.89
C LEU A 215 1.33 -27.10 -24.05
N VAL A 216 1.09 -27.87 -25.15
CA VAL A 216 -0.21 -28.51 -25.42
C VAL A 216 -0.73 -29.28 -24.21
N LYS A 217 0.16 -29.98 -23.49
CA LYS A 217 -0.14 -30.72 -22.26
C LYS A 217 -0.78 -29.85 -21.19
N ASN A 218 -0.11 -28.74 -20.82
CA ASN A 218 -0.53 -27.79 -19.79
C ASN A 218 -1.80 -27.01 -20.14
N LEU A 219 -1.88 -26.52 -21.38
CA LEU A 219 -2.94 -25.69 -21.96
C LEU A 219 -4.24 -26.47 -22.28
N PHE A 220 -4.11 -27.66 -22.90
CA PHE A 220 -5.24 -28.45 -23.39
C PHE A 220 -5.60 -29.79 -22.73
N LEU A 221 -4.64 -30.48 -22.11
CA LEU A 221 -4.93 -31.83 -21.62
C LEU A 221 -4.96 -32.05 -20.11
N SER A 222 -5.58 -33.17 -19.69
CA SER A 222 -5.71 -33.56 -18.29
C SER A 222 -4.38 -34.07 -17.67
N SER A 223 -4.37 -34.27 -16.34
CA SER A 223 -3.24 -34.70 -15.52
C SER A 223 -2.51 -35.99 -15.98
N GLU A 224 -3.23 -37.15 -16.05
CA GLU A 224 -2.64 -38.45 -16.47
C GLU A 224 -3.64 -39.48 -17.00
N ARG A 225 -3.24 -40.77 -16.94
CA ARG A 225 -3.90 -42.00 -17.39
C ARG A 225 -4.01 -42.13 -18.89
N SER A 226 -3.32 -41.27 -19.63
CA SER A 226 -3.36 -41.42 -21.07
C SER A 226 -1.99 -41.65 -21.71
N TYR A 227 -1.68 -42.92 -22.02
CA TYR A 227 -0.48 -43.32 -22.77
C TYR A 227 -0.83 -42.92 -24.22
N TRP A 228 -2.15 -42.71 -24.42
CA TRP A 228 -2.89 -42.24 -25.57
C TRP A 228 -2.70 -40.71 -25.71
N ARG A 229 -2.56 -39.99 -24.56
CA ARG A 229 -2.37 -38.53 -24.44
C ARG A 229 -1.09 -38.08 -25.11
N LYS A 230 0.07 -38.69 -24.77
CA LYS A 230 1.37 -38.32 -25.34
C LYS A 230 1.30 -38.32 -26.87
N ALA A 231 0.65 -39.35 -27.46
CA ALA A 231 0.42 -39.49 -28.91
C ALA A 231 -0.62 -38.47 -29.39
N ASN A 232 -1.65 -38.16 -28.56
CA ASN A 232 -2.69 -37.17 -28.84
C ASN A 232 -2.07 -35.76 -28.73
N GLU A 233 -1.14 -35.56 -27.76
CA GLU A 233 -0.36 -34.34 -27.50
C GLU A 233 0.64 -34.13 -28.62
N ALA A 234 1.23 -35.25 -29.12
CA ALA A 234 2.17 -35.26 -30.24
C ALA A 234 1.45 -34.78 -31.48
N TYR A 235 0.19 -35.25 -31.67
CA TYR A 235 -0.66 -34.87 -32.79
C TYR A 235 -0.93 -33.36 -32.73
N MET A 236 -1.12 -32.80 -31.52
CA MET A 236 -1.33 -31.36 -31.30
C MET A 236 -0.02 -30.57 -31.46
N ALA A 237 1.11 -31.15 -31.02
CA ALA A 237 2.46 -30.55 -31.09
C ALA A 237 3.03 -30.53 -32.52
N LEU A 238 2.28 -31.14 -33.47
CA LEU A 238 2.56 -31.20 -34.91
C LEU A 238 1.75 -30.06 -35.57
N ILE A 239 0.54 -29.75 -35.03
CA ILE A 239 -0.36 -28.70 -35.52
C ILE A 239 0.12 -27.29 -35.08
N MET A 240 0.41 -27.11 -33.75
CA MET A 240 0.86 -25.85 -33.14
C MET A 240 2.11 -25.27 -33.83
N ASP A 241 3.23 -26.03 -33.85
CA ASP A 241 4.49 -25.60 -34.48
C ASP A 241 4.34 -25.47 -36.02
N ALA A 242 3.27 -26.04 -36.63
CA ALA A 242 2.97 -25.90 -38.06
C ALA A 242 2.31 -24.54 -38.35
N ARG A 243 1.38 -24.09 -37.48
CA ARG A 243 0.68 -22.81 -37.65
C ARG A 243 1.11 -21.63 -36.76
N TYR A 244 1.88 -21.87 -35.68
CA TYR A 244 2.39 -20.80 -34.82
C TYR A 244 3.92 -20.83 -34.77
N SER A 245 4.54 -19.67 -35.05
CA SER A 245 6.00 -19.49 -35.06
C SER A 245 6.63 -19.83 -33.71
N LYS A 246 7.89 -20.31 -33.71
CA LYS A 246 8.63 -20.70 -32.48
C LYS A 246 8.66 -19.61 -31.41
N ASP A 247 8.57 -18.34 -31.83
CA ASP A 247 8.52 -17.14 -30.99
C ASP A 247 7.22 -17.12 -30.18
N ARG A 248 6.06 -17.41 -30.83
CA ARG A 248 4.76 -17.47 -30.15
C ARG A 248 4.67 -18.67 -29.20
N ILE A 249 5.20 -19.86 -29.62
CA ILE A 249 5.25 -21.11 -28.85
C ILE A 249 5.78 -20.80 -27.44
N LEU A 250 7.02 -20.26 -27.35
CA LEU A 250 7.64 -19.91 -26.07
C LEU A 250 7.13 -18.62 -25.41
N GLU A 251 6.27 -17.83 -26.09
CA GLU A 251 5.63 -16.64 -25.50
C GLU A 251 4.49 -17.19 -24.63
N LEU A 252 3.72 -18.15 -25.20
CA LEU A 252 2.61 -18.87 -24.56
C LEU A 252 3.18 -19.76 -23.44
N TYR A 253 4.22 -20.57 -23.76
CA TYR A 253 4.90 -21.49 -22.84
C TYR A 253 5.40 -20.79 -21.58
N MET A 254 6.12 -19.66 -21.75
CA MET A 254 6.70 -18.92 -20.63
C MET A 254 5.71 -18.20 -19.71
N ASN A 255 4.42 -18.16 -20.08
CA ASN A 255 3.36 -17.58 -19.26
C ASN A 255 2.45 -18.68 -18.67
N GLU A 256 2.53 -19.92 -19.21
CA GLU A 256 1.72 -21.06 -18.76
C GLU A 256 2.34 -21.94 -17.65
N VAL A 257 3.62 -22.33 -17.80
CA VAL A 257 4.35 -23.21 -16.88
C VAL A 257 4.05 -23.07 -15.39
N TYR A 258 3.61 -24.16 -14.72
CA TYR A 258 3.33 -24.15 -13.28
C TYR A 258 4.65 -23.98 -12.55
N LEU A 259 4.74 -22.96 -11.69
CA LEU A 259 5.98 -22.66 -10.98
C LEU A 259 5.91 -22.57 -9.45
N GLY A 260 4.70 -22.60 -8.91
CA GLY A 260 4.52 -22.53 -7.45
C GLY A 260 3.09 -22.45 -6.95
N GLN A 261 2.94 -22.50 -5.62
CA GLN A 261 1.64 -22.45 -4.95
C GLN A 261 1.57 -21.35 -3.88
N SER A 262 0.37 -20.78 -3.70
CA SER A 262 0.04 -19.74 -2.72
C SER A 262 -1.33 -20.12 -2.13
N GLY A 263 -1.32 -21.18 -1.33
CA GLY A 263 -2.50 -21.74 -0.70
C GLY A 263 -3.39 -22.47 -1.69
N ASP A 264 -4.41 -21.75 -2.20
CA ASP A 264 -5.39 -22.24 -3.18
C ASP A 264 -5.24 -21.57 -4.55
N ASN A 265 -4.18 -20.75 -4.73
CA ASN A 265 -3.89 -20.06 -5.99
C ASN A 265 -2.61 -20.58 -6.63
N GLU A 266 -2.73 -21.05 -7.87
CA GLU A 266 -1.63 -21.63 -8.64
C GLU A 266 -0.77 -20.54 -9.27
N ILE A 267 0.50 -20.45 -8.84
CA ILE A 267 1.43 -19.47 -9.42
C ILE A 267 1.99 -20.10 -10.69
N ARG A 268 1.70 -19.47 -11.83
CA ARG A 268 2.18 -19.92 -13.14
C ARG A 268 2.74 -18.85 -14.03
N GLY A 269 3.76 -19.22 -14.79
CA GLY A 269 4.50 -18.32 -15.68
C GLY A 269 5.63 -17.65 -14.94
N PHE A 270 6.80 -17.54 -15.61
CA PHE A 270 8.01 -16.91 -15.06
C PHE A 270 7.79 -15.45 -14.58
N PRO A 271 7.02 -14.57 -15.30
CA PRO A 271 6.86 -13.18 -14.84
C PRO A 271 6.36 -13.03 -13.41
N LEU A 272 5.28 -13.73 -13.05
CA LEU A 272 4.72 -13.68 -11.70
C LEU A 272 5.57 -14.46 -10.70
N ALA A 273 6.28 -15.51 -11.18
CA ALA A 273 7.16 -16.36 -10.37
C ALA A 273 8.40 -15.62 -9.88
N SER A 274 9.01 -14.80 -10.77
CA SER A 274 10.20 -13.99 -10.47
C SER A 274 9.90 -13.05 -9.30
N LEU A 275 8.76 -12.34 -9.35
CA LEU A 275 8.30 -11.44 -8.28
C LEU A 275 7.96 -12.22 -7.01
N TYR A 276 7.30 -13.39 -7.17
CA TYR A 276 6.85 -14.25 -6.07
C TYR A 276 7.98 -14.76 -5.19
N TYR A 277 9.05 -15.32 -5.81
CA TYR A 277 10.22 -15.87 -5.11
C TYR A 277 11.35 -14.88 -4.91
N PHE A 278 11.58 -13.97 -5.88
CA PHE A 278 12.70 -13.02 -5.81
C PHE A 278 12.35 -11.56 -5.58
N GLY A 279 11.18 -11.13 -6.05
CA GLY A 279 10.72 -9.76 -5.87
C GLY A 279 11.20 -8.79 -6.93
N ARG A 280 11.42 -9.30 -8.15
CA ARG A 280 11.92 -8.55 -9.31
C ARG A 280 11.23 -8.99 -10.60
N PRO A 281 10.93 -8.08 -11.57
CA PRO A 281 10.34 -8.54 -12.84
C PRO A 281 11.33 -9.34 -13.68
N VAL A 282 10.86 -10.44 -14.26
CA VAL A 282 11.71 -11.42 -14.96
C VAL A 282 12.92 -10.86 -15.75
N GLU A 283 12.75 -9.71 -16.40
CA GLU A 283 13.80 -9.02 -17.16
C GLU A 283 15.07 -8.73 -16.25
N GLU A 284 14.87 -8.47 -14.94
CA GLU A 284 15.90 -8.13 -13.96
C GLU A 284 16.56 -9.32 -13.25
N LEU A 285 16.17 -10.56 -13.57
CA LEU A 285 16.70 -11.76 -12.93
C LEU A 285 18.18 -12.02 -13.21
N SER A 286 18.89 -12.57 -12.21
CA SER A 286 20.29 -12.99 -12.33
C SER A 286 20.31 -14.42 -12.89
N LEU A 287 21.48 -14.92 -13.36
CA LEU A 287 21.59 -16.26 -13.95
C LEU A 287 21.28 -17.42 -12.99
N ASP A 288 21.71 -17.32 -11.71
CA ASP A 288 21.43 -18.32 -10.68
C ASP A 288 19.92 -18.40 -10.42
N GLN A 289 19.23 -17.25 -10.57
CA GLN A 289 17.79 -17.09 -10.40
C GLN A 289 16.99 -17.73 -11.54
N GLN A 290 17.46 -17.48 -12.79
CA GLN A 290 16.89 -18.01 -14.04
C GLN A 290 16.98 -19.54 -14.02
N ALA A 291 18.19 -20.06 -13.73
CA ALA A 291 18.50 -21.49 -13.62
C ALA A 291 17.55 -22.19 -12.65
N LEU A 292 17.34 -21.63 -11.42
CA LEU A 292 16.42 -22.20 -10.42
C LEU A 292 15.03 -22.27 -11.01
N LEU A 293 14.48 -21.10 -11.44
CA LEU A 293 13.15 -20.95 -12.04
C LEU A 293 12.90 -21.94 -13.17
N VAL A 294 13.89 -22.11 -14.07
CA VAL A 294 13.84 -23.06 -15.18
C VAL A 294 13.79 -24.48 -14.60
N GLY A 295 14.71 -24.79 -13.68
CA GLY A 295 14.77 -26.09 -13.01
C GLY A 295 13.53 -26.53 -12.27
N MET A 296 12.77 -25.56 -11.71
CA MET A 296 11.52 -25.77 -10.99
C MET A 296 10.47 -26.44 -11.89
N VAL A 297 10.41 -26.04 -13.18
CA VAL A 297 9.43 -26.53 -14.17
C VAL A 297 9.12 -28.03 -14.12
N LYS A 298 10.16 -28.85 -14.08
CA LYS A 298 10.03 -30.30 -13.95
C LYS A 298 9.07 -30.67 -12.85
N GLY A 299 9.26 -30.07 -11.69
CA GLY A 299 8.38 -30.26 -10.55
C GLY A 299 8.52 -28.94 -9.81
N ALA A 300 7.39 -28.28 -9.61
CA ALA A 300 7.40 -26.95 -9.04
C ALA A 300 7.10 -27.11 -7.57
N SER A 301 6.38 -28.15 -7.21
CA SER A 301 5.96 -28.29 -5.82
C SER A 301 7.08 -28.75 -4.89
N ILE A 302 7.86 -29.79 -5.31
CA ILE A 302 8.94 -30.37 -4.50
C ILE A 302 10.29 -29.63 -4.58
N TYR A 303 10.44 -28.72 -5.56
CA TYR A 303 11.64 -27.89 -5.70
C TYR A 303 11.34 -26.52 -5.05
N ASN A 304 10.72 -26.55 -3.86
CA ASN A 304 10.32 -25.38 -3.09
C ASN A 304 11.43 -24.85 -2.17
N PRO A 305 11.95 -23.64 -2.46
CA PRO A 305 13.02 -23.06 -1.62
C PRO A 305 12.55 -22.65 -0.22
N TRP A 306 11.23 -22.80 0.05
CA TRP A 306 10.58 -22.50 1.33
C TRP A 306 10.61 -23.74 2.22
N ARG A 307 10.04 -24.84 1.67
CA ARG A 307 9.87 -26.14 2.31
C ARG A 307 11.18 -26.91 2.46
N ASN A 308 11.79 -27.29 1.32
CA ASN A 308 13.02 -28.08 1.26
C ASN A 308 14.15 -27.40 0.45
N PRO A 309 14.86 -26.37 1.00
CA PRO A 309 15.94 -25.72 0.22
C PRO A 309 17.03 -26.68 -0.26
N LYS A 310 17.49 -27.64 0.58
CA LYS A 310 18.53 -28.64 0.24
C LYS A 310 18.35 -29.20 -1.19
N LEU A 311 17.11 -29.64 -1.50
CA LEU A 311 16.68 -30.19 -2.79
C LEU A 311 16.75 -29.11 -3.89
N ALA A 312 16.14 -27.92 -3.64
CA ALA A 312 16.15 -26.79 -4.58
C ALA A 312 17.55 -26.21 -4.80
N LEU A 313 18.38 -26.20 -3.72
CA LEU A 313 19.77 -25.71 -3.71
C LEU A 313 20.69 -26.62 -4.54
N GLU A 314 20.25 -27.88 -4.81
CA GLU A 314 20.97 -28.86 -5.62
C GLU A 314 20.43 -28.84 -7.05
N ARG A 315 19.14 -28.59 -7.22
CA ARG A 315 18.54 -28.53 -8.55
C ARG A 315 19.07 -27.34 -9.32
N ARG A 316 18.90 -26.16 -8.76
CA ARG A 316 19.41 -24.92 -9.34
C ARG A 316 20.87 -25.17 -9.77
N ASN A 317 21.68 -25.78 -8.85
CA ASN A 317 23.07 -26.15 -9.07
C ASN A 317 23.28 -27.16 -10.21
N LEU A 318 22.28 -28.07 -10.45
CA LEU A 318 22.29 -29.03 -11.55
C LEU A 318 22.08 -28.21 -12.85
N VAL A 319 21.12 -27.25 -12.86
CA VAL A 319 20.86 -26.37 -14.02
C VAL A 319 22.11 -25.52 -14.29
N LEU A 320 22.82 -25.08 -13.22
CA LEU A 320 24.09 -24.35 -13.35
C LEU A 320 25.09 -25.28 -14.07
N ARG A 321 25.22 -26.56 -13.61
CA ARG A 321 26.14 -27.55 -14.21
C ARG A 321 25.76 -28.02 -15.59
N LEU A 322 24.45 -28.05 -15.90
CA LEU A 322 23.92 -28.43 -17.22
C LEU A 322 24.20 -27.34 -18.25
N LEU A 323 24.10 -26.05 -17.84
CA LEU A 323 24.34 -24.90 -18.71
C LEU A 323 25.83 -24.81 -19.14
N GLN A 324 26.73 -25.18 -18.25
CA GLN A 324 28.17 -25.14 -18.54
C GLN A 324 28.55 -26.22 -19.53
N GLN A 325 27.81 -27.32 -19.51
CA GLN A 325 28.06 -28.44 -20.41
C GLN A 325 27.83 -28.05 -21.86
N GLN A 326 26.80 -27.26 -22.10
CA GLN A 326 26.47 -26.81 -23.45
C GLN A 326 27.46 -25.66 -23.63
N GLN A 327 27.23 -24.85 -24.66
CA GLN A 327 28.11 -23.71 -24.94
C GLN A 327 28.45 -22.49 -24.09
N ILE A 328 27.41 -21.76 -23.64
CA ILE A 328 27.45 -20.47 -22.95
C ILE A 328 28.42 -20.24 -21.77
N ILE A 329 28.25 -20.92 -20.61
CA ILE A 329 29.12 -20.61 -19.46
C ILE A 329 30.43 -21.41 -19.33
N ASP A 330 31.17 -21.15 -18.22
CA ASP A 330 32.47 -21.72 -17.81
C ASP A 330 32.62 -21.58 -16.29
N GLN A 331 33.38 -22.49 -15.65
CA GLN A 331 33.59 -22.54 -14.18
C GLN A 331 34.03 -21.26 -13.44
N GLU A 332 34.54 -20.24 -14.16
CA GLU A 332 34.96 -18.95 -13.59
C GLU A 332 33.72 -18.26 -13.00
N LEU A 333 32.59 -18.40 -13.72
CA LEU A 333 31.27 -17.93 -13.29
C LEU A 333 30.40 -19.14 -12.84
N TYR A 334 30.99 -20.37 -12.73
CA TYR A 334 30.24 -21.53 -12.25
C TYR A 334 30.30 -21.69 -10.73
N ASP A 335 31.51 -21.94 -10.19
CA ASP A 335 31.81 -22.18 -8.77
C ASP A 335 31.12 -21.17 -7.84
N MET A 336 31.13 -19.87 -8.22
CA MET A 336 30.49 -18.77 -7.50
C MET A 336 28.97 -18.85 -7.62
N LEU A 337 28.44 -19.06 -8.85
CA LEU A 337 26.99 -19.15 -9.10
C LEU A 337 26.31 -20.24 -8.25
N SER A 338 27.01 -21.38 -8.05
CA SER A 338 26.53 -22.49 -7.21
C SER A 338 26.56 -22.13 -5.73
N ALA A 339 27.59 -21.36 -5.32
CA ALA A 339 27.80 -20.89 -3.95
C ALA A 339 26.73 -19.90 -3.50
N ARG A 340 26.26 -19.02 -4.41
CA ARG A 340 25.24 -18.00 -4.14
C ARG A 340 23.97 -18.64 -3.61
N PRO A 341 23.54 -18.37 -2.34
CA PRO A 341 22.30 -18.99 -1.85
C PRO A 341 21.11 -18.63 -2.73
N LEU A 342 20.29 -19.65 -3.05
CA LEU A 342 19.10 -19.55 -3.91
C LEU A 342 18.35 -18.23 -3.73
N GLY A 343 17.95 -17.97 -2.50
CA GLY A 343 17.22 -16.80 -2.11
C GLY A 343 17.98 -15.88 -1.16
N VAL A 344 17.84 -14.53 -1.31
CA VAL A 344 16.95 -13.78 -2.24
C VAL A 344 15.46 -14.18 -2.11
N GLN A 345 15.12 -14.81 -0.97
CA GLN A 345 13.79 -15.32 -0.63
C GLN A 345 13.10 -14.35 0.37
N PRO A 346 11.90 -13.79 0.06
CA PRO A 346 11.24 -12.86 1.01
C PRO A 346 10.99 -13.43 2.41
N ARG A 347 10.84 -14.77 2.52
CA ARG A 347 10.60 -15.58 3.72
C ARG A 347 9.18 -15.56 4.26
N GLY A 348 8.33 -14.79 3.60
CA GLY A 348 6.92 -14.69 3.91
C GLY A 348 6.15 -15.60 2.97
N GLY A 349 5.05 -16.16 3.47
CA GLY A 349 4.18 -17.03 2.70
C GLY A 349 3.58 -16.31 1.50
N VAL A 350 3.51 -14.96 1.60
CA VAL A 350 2.97 -14.00 0.61
C VAL A 350 1.60 -14.46 0.06
N ILE A 351 0.73 -14.88 0.98
CA ILE A 351 -0.62 -15.35 0.68
C ILE A 351 -1.52 -14.19 0.26
N SER A 352 -1.78 -13.25 1.17
CA SER A 352 -2.60 -12.07 0.91
C SER A 352 -1.86 -10.80 1.37
N PRO A 353 -1.19 -10.10 0.43
CA PRO A 353 -0.48 -8.86 0.81
C PRO A 353 -1.45 -7.70 1.09
N GLN A 354 -1.10 -6.89 2.11
CA GLN A 354 -1.87 -5.74 2.61
C GLN A 354 -3.38 -6.03 2.76
N PRO A 355 -3.80 -7.01 3.60
CA PRO A 355 -5.24 -7.32 3.68
C PRO A 355 -6.14 -6.18 4.13
N ALA A 356 -5.70 -5.39 5.13
CA ALA A 356 -6.43 -4.24 5.67
C ALA A 356 -6.71 -3.17 4.59
N PHE A 357 -5.66 -2.73 3.86
CA PHE A 357 -5.78 -1.73 2.79
C PHE A 357 -6.55 -2.29 1.57
N MET A 358 -6.48 -3.61 1.34
CA MET A 358 -7.16 -4.28 0.22
C MET A 358 -8.68 -4.31 0.37
N GLN A 359 -9.20 -4.37 1.61
CA GLN A 359 -10.63 -4.31 1.91
C GLN A 359 -11.19 -2.98 1.36
N LEU A 360 -10.47 -1.86 1.61
CA LEU A 360 -10.84 -0.53 1.12
C LEU A 360 -10.86 -0.49 -0.40
N VAL A 361 -9.79 -1.03 -1.05
CA VAL A 361 -9.65 -1.10 -2.52
C VAL A 361 -10.87 -1.80 -3.13
N ARG A 362 -11.15 -3.05 -2.67
CA ARG A 362 -12.27 -3.89 -3.12
C ARG A 362 -13.63 -3.21 -2.89
N GLN A 363 -13.81 -2.54 -1.72
CA GLN A 363 -15.05 -1.83 -1.35
C GLN A 363 -15.28 -0.68 -2.34
N GLU A 364 -14.20 0.06 -2.66
CA GLU A 364 -14.20 1.19 -3.58
C GLU A 364 -14.38 0.76 -5.04
N LEU A 365 -13.82 -0.41 -5.41
CA LEU A 365 -13.95 -1.00 -6.75
C LEU A 365 -15.42 -1.31 -7.05
N GLN A 366 -16.16 -1.78 -6.03
CA GLN A 366 -17.58 -2.13 -6.07
C GLN A 366 -18.43 -0.86 -6.27
N ALA A 367 -18.20 0.17 -5.42
CA ALA A 367 -18.91 1.45 -5.46
C ALA A 367 -18.79 2.20 -6.80
N LYS A 368 -17.62 2.10 -7.47
CA LYS A 368 -17.30 2.79 -8.72
C LYS A 368 -17.57 2.02 -10.02
N LEU A 369 -17.44 0.68 -10.01
CA LEU A 369 -17.63 -0.11 -11.23
C LEU A 369 -18.66 -1.26 -11.12
N GLY A 370 -19.13 -1.52 -9.90
CA GLY A 370 -20.12 -2.56 -9.62
C GLY A 370 -19.61 -3.95 -9.87
N ASP A 371 -20.35 -4.70 -10.69
CA ASP A 371 -20.01 -6.08 -11.06
C ASP A 371 -19.23 -6.17 -12.37
N LYS A 372 -19.72 -5.48 -13.38
CA LYS A 372 -19.14 -5.52 -14.71
C LYS A 372 -17.80 -4.88 -14.64
N VAL A 373 -16.95 -5.49 -13.84
CA VAL A 373 -15.56 -5.19 -13.89
C VAL A 373 -14.80 -6.48 -13.68
N LYS A 374 -15.44 -7.46 -13.04
CA LYS A 374 -14.79 -8.73 -12.76
C LYS A 374 -14.82 -9.64 -13.98
N ASP A 375 -15.58 -9.20 -14.96
CA ASP A 375 -15.75 -9.92 -16.23
C ASP A 375 -14.49 -9.81 -17.08
N LEU A 376 -13.86 -8.62 -17.05
CA LEU A 376 -12.69 -8.25 -17.84
C LEU A 376 -11.38 -8.94 -17.44
N SER A 377 -10.44 -9.05 -18.41
CA SER A 377 -9.13 -9.69 -18.29
C SER A 377 -7.98 -8.68 -18.48
N GLY A 378 -6.87 -8.92 -17.76
CA GLY A 378 -5.66 -8.08 -17.81
C GLY A 378 -5.87 -6.66 -17.35
N VAL A 379 -6.77 -6.47 -16.36
CA VAL A 379 -7.13 -5.18 -15.77
C VAL A 379 -5.95 -4.65 -14.92
N LYS A 380 -5.76 -3.31 -14.91
CA LYS A 380 -4.72 -2.64 -14.15
C LYS A 380 -5.33 -1.64 -13.18
N ILE A 381 -5.17 -1.88 -11.86
CA ILE A 381 -5.68 -1.03 -10.79
C ILE A 381 -4.53 -0.23 -10.15
N PHE A 382 -4.61 1.10 -10.25
CA PHE A 382 -3.60 2.00 -9.68
C PHE A 382 -4.13 2.64 -8.39
N THR A 383 -3.51 2.29 -7.24
CA THR A 383 -3.93 2.75 -5.90
C THR A 383 -3.14 3.98 -5.38
N THR A 384 -3.55 4.47 -4.18
CA THR A 384 -2.95 5.60 -3.48
C THR A 384 -1.90 5.11 -2.45
N PHE A 385 -1.83 3.77 -2.26
CA PHE A 385 -0.94 3.05 -1.33
C PHE A 385 0.49 3.54 -1.32
N ASP A 386 1.04 3.73 -0.12
CA ASP A 386 2.43 4.17 0.10
C ASP A 386 3.20 3.07 0.82
N SER A 387 4.28 2.57 0.19
CA SER A 387 5.15 1.51 0.72
C SER A 387 5.96 1.96 1.94
N VAL A 388 6.48 3.20 1.93
CA VAL A 388 7.28 3.78 3.01
C VAL A 388 6.43 3.99 4.27
N ALA A 389 5.26 4.67 4.12
CA ALA A 389 4.30 4.92 5.19
C ALA A 389 3.79 3.61 5.80
N GLN A 390 3.48 2.60 4.96
CA GLN A 390 3.00 1.30 5.43
C GLN A 390 4.03 0.57 6.28
N ASP A 391 5.25 0.38 5.73
CA ASP A 391 6.35 -0.30 6.42
C ASP A 391 6.61 0.31 7.80
N ALA A 392 6.60 1.66 7.88
CA ALA A 392 6.80 2.44 9.11
C ALA A 392 5.67 2.19 10.09
N ALA A 393 4.40 2.16 9.60
CA ALA A 393 3.21 1.92 10.42
C ALA A 393 3.18 0.47 10.92
N GLU A 394 3.49 -0.50 10.03
CA GLU A 394 3.54 -1.94 10.35
C GLU A 394 4.57 -2.19 11.46
N LYS A 395 5.79 -1.62 11.30
CA LYS A 395 6.90 -1.74 12.25
C LYS A 395 6.53 -1.17 13.61
N ALA A 396 5.91 0.03 13.64
CA ALA A 396 5.45 0.71 14.85
C ALA A 396 4.46 -0.15 15.63
N ALA A 397 3.60 -0.90 14.91
CA ALA A 397 2.60 -1.82 15.47
C ALA A 397 3.28 -3.08 16.02
N VAL A 398 4.05 -3.80 15.17
CA VAL A 398 4.79 -5.04 15.47
C VAL A 398 5.76 -4.86 16.66
N GLU A 399 6.38 -3.68 16.78
CA GLU A 399 7.34 -3.40 17.86
C GLU A 399 6.71 -2.74 19.08
N GLY A 400 5.83 -1.76 18.87
CA GLY A 400 5.17 -1.02 19.93
C GLY A 400 4.24 -1.79 20.84
N ILE A 401 3.42 -2.66 20.25
CA ILE A 401 2.47 -3.50 20.98
C ILE A 401 3.18 -4.47 21.98
N PRO A 402 4.12 -5.39 21.59
CA PRO A 402 4.78 -6.23 22.61
C PRO A 402 5.50 -5.42 23.69
N ALA A 403 6.09 -4.25 23.30
CA ALA A 403 6.78 -3.32 24.19
C ALA A 403 5.80 -2.84 25.26
N LEU A 404 4.58 -2.39 24.86
CA LEU A 404 3.53 -1.91 25.77
C LEU A 404 2.95 -3.02 26.66
N LYS A 405 2.80 -4.24 26.10
CA LYS A 405 2.30 -5.44 26.80
C LYS A 405 3.22 -5.78 27.98
N LYS A 406 4.54 -5.63 27.76
CA LYS A 406 5.60 -5.91 28.74
C LYS A 406 5.61 -4.86 29.87
N GLN A 407 5.75 -3.56 29.50
CA GLN A 407 5.80 -2.39 30.39
C GLN A 407 4.59 -2.33 31.36
N ARG A 408 3.39 -2.34 30.79
CA ARG A 408 2.17 -2.29 31.59
C ARG A 408 1.77 -3.66 32.10
N LYS A 409 2.24 -4.70 31.41
CA LYS A 409 1.93 -6.07 31.79
C LYS A 409 0.51 -6.45 31.39
N LEU A 410 0.36 -6.97 30.17
CA LEU A 410 -0.93 -7.38 29.66
C LEU A 410 -0.81 -8.65 28.82
N SER A 411 -1.90 -9.41 28.76
CA SER A 411 -1.91 -10.67 27.99
C SER A 411 -2.32 -10.40 26.54
N ASP A 412 -3.17 -9.37 26.32
CA ASP A 412 -3.65 -8.93 25.02
C ASP A 412 -3.64 -7.40 24.89
N LEU A 413 -3.43 -6.89 23.66
CA LEU A 413 -3.45 -5.47 23.30
C LEU A 413 -3.44 -5.32 21.78
N GLU A 414 -4.40 -4.55 21.25
CA GLU A 414 -4.47 -4.30 19.82
C GLU A 414 -4.29 -2.84 19.44
N THR A 415 -4.05 -2.58 18.14
CA THR A 415 -3.84 -1.24 17.56
C THR A 415 -4.45 -1.12 16.16
N ALA A 416 -4.52 0.12 15.66
CA ALA A 416 -5.04 0.50 14.34
C ALA A 416 -4.47 1.87 13.94
N ILE A 417 -3.81 1.95 12.78
CA ILE A 417 -3.22 3.19 12.22
C ILE A 417 -3.81 3.45 10.81
N VAL A 418 -4.19 4.71 10.54
CA VAL A 418 -4.74 5.18 9.25
C VAL A 418 -3.96 6.46 8.90
N VAL A 419 -3.32 6.49 7.73
CA VAL A 419 -2.52 7.62 7.22
C VAL A 419 -3.20 8.09 5.91
N VAL A 420 -3.59 9.38 5.83
CA VAL A 420 -4.23 9.96 4.64
C VAL A 420 -3.55 11.25 4.22
N ASP A 421 -3.65 11.61 2.92
CA ASP A 421 -3.07 12.84 2.41
C ASP A 421 -3.85 13.99 3.06
N ARG A 422 -3.12 14.93 3.66
CA ARG A 422 -3.67 16.09 4.35
C ARG A 422 -4.66 16.87 3.46
N PHE A 423 -4.27 17.12 2.20
CA PHE A 423 -5.00 17.91 1.23
C PHE A 423 -5.97 17.16 0.32
N SER A 424 -5.57 16.00 -0.22
CA SER A 424 -6.40 15.25 -1.16
C SER A 424 -7.31 14.17 -0.59
N GLY A 425 -7.02 13.68 0.61
CA GLY A 425 -7.79 12.63 1.27
C GLY A 425 -7.37 11.22 0.89
N GLU A 426 -6.41 11.10 -0.04
CA GLU A 426 -5.83 9.84 -0.55
C GLU A 426 -5.19 9.00 0.57
N VAL A 427 -5.64 7.77 0.76
CA VAL A 427 -5.18 6.85 1.81
C VAL A 427 -3.81 6.24 1.45
N ARG A 428 -2.78 6.54 2.25
CA ARG A 428 -1.38 6.12 2.05
C ARG A 428 -1.03 4.84 2.84
N ALA A 429 -1.63 4.66 4.03
CA ALA A 429 -1.37 3.53 4.94
C ALA A 429 -2.57 3.13 5.82
N MET A 430 -2.71 1.82 6.08
CA MET A 430 -3.77 1.23 6.91
C MET A 430 -3.28 -0.01 7.65
N VAL A 431 -3.36 0.02 9.00
CA VAL A 431 -2.99 -1.09 9.89
C VAL A 431 -4.24 -1.52 10.64
N GLY A 432 -4.59 -2.79 10.49
CA GLY A 432 -5.78 -3.38 11.10
C GLY A 432 -5.55 -4.13 12.39
N GLY A 433 -4.30 -4.26 12.81
CA GLY A 433 -3.93 -4.95 14.04
C GLY A 433 -2.44 -5.07 14.32
N SER A 434 -2.10 -5.53 15.55
CA SER A 434 -0.75 -5.76 16.08
C SER A 434 0.07 -6.71 15.21
N GLU A 435 -0.62 -7.63 14.50
CA GLU A 435 -0.04 -8.60 13.57
C GLU A 435 -0.59 -8.24 12.17
N PRO A 436 -0.07 -7.17 11.50
CA PRO A 436 -0.64 -6.76 10.20
C PRO A 436 -0.37 -7.74 9.05
N GLN A 437 0.67 -8.58 9.20
CA GLN A 437 1.08 -9.59 8.22
C GLN A 437 0.03 -10.68 8.02
N PHE A 438 -0.82 -10.92 9.04
CA PHE A 438 -1.90 -11.90 9.03
C PHE A 438 -3.15 -11.32 9.68
N ALA A 439 -4.11 -10.94 8.84
CA ALA A 439 -5.30 -10.28 9.32
C ALA A 439 -6.62 -10.77 8.74
N GLY A 440 -7.63 -10.81 9.59
CA GLY A 440 -8.97 -11.11 9.18
C GLY A 440 -9.98 -10.16 9.73
N TYR A 441 -9.60 -9.50 10.81
CA TYR A 441 -10.42 -8.48 11.43
C TYR A 441 -9.60 -7.22 11.24
N ASN A 442 -10.14 -6.27 10.49
CA ASN A 442 -9.47 -5.00 10.20
C ASN A 442 -10.05 -3.91 11.09
N ARG A 443 -9.34 -3.60 12.19
CA ARG A 443 -9.75 -2.60 13.20
C ARG A 443 -9.79 -1.17 12.68
N ALA A 444 -9.14 -0.90 11.53
CA ALA A 444 -9.11 0.44 10.95
C ALA A 444 -10.44 0.83 10.33
N MET A 445 -11.23 -0.16 9.89
CA MET A 445 -12.53 0.01 9.24
C MET A 445 -13.68 -0.68 10.03
N GLN A 446 -13.35 -1.55 11.00
CA GLN A 446 -14.35 -2.31 11.77
C GLN A 446 -14.44 -2.02 13.29
N ALA A 447 -13.41 -1.41 13.90
CA ALA A 447 -13.46 -1.14 15.34
C ALA A 447 -14.12 0.20 15.67
N ARG A 448 -15.44 0.16 15.97
CA ARG A 448 -16.24 1.33 16.35
C ARG A 448 -16.02 1.59 17.82
N ARG A 449 -15.43 2.75 18.15
CA ARG A 449 -15.03 3.13 19.51
C ARG A 449 -15.39 4.57 19.85
N SER A 450 -15.60 4.85 21.15
CA SER A 450 -15.83 6.21 21.66
C SER A 450 -14.52 6.97 21.43
N ILE A 451 -14.57 8.03 20.62
CA ILE A 451 -13.40 8.85 20.27
C ILE A 451 -12.78 9.64 21.43
N GLY A 452 -13.55 9.81 22.49
CA GLY A 452 -13.12 10.54 23.69
C GLY A 452 -12.87 12.00 23.38
N SER A 453 -11.73 12.52 23.84
CA SER A 453 -11.34 13.93 23.65
C SER A 453 -11.00 14.34 22.20
N LEU A 454 -11.04 13.40 21.23
CA LEU A 454 -10.85 13.65 19.80
C LEU A 454 -12.08 14.39 19.25
N ALA A 455 -13.15 14.48 20.08
CA ALA A 455 -14.43 15.14 19.84
C ALA A 455 -14.35 16.63 20.19
N LYS A 456 -13.32 17.00 20.94
CA LYS A 456 -13.09 18.37 21.40
C LYS A 456 -12.89 19.42 20.29
N PRO A 457 -12.02 19.23 19.25
CA PRO A 457 -11.84 20.29 18.25
C PRO A 457 -13.09 20.76 17.50
N ALA A 458 -14.08 19.87 17.31
CA ALA A 458 -15.34 20.20 16.66
C ALA A 458 -16.06 21.39 17.30
N THR A 459 -16.14 21.41 18.66
CA THR A 459 -16.75 22.46 19.48
C THR A 459 -16.01 23.80 19.32
N TYR A 460 -14.65 23.76 19.37
CA TYR A 460 -13.78 24.93 19.23
C TYR A 460 -13.79 25.46 17.82
N LEU A 461 -13.89 24.55 16.83
CA LEU A 461 -14.00 24.90 15.41
C LEU A 461 -15.37 25.54 15.14
N THR A 462 -16.42 25.13 15.89
CA THR A 462 -17.77 25.69 15.78
C THR A 462 -17.79 27.11 16.38
N ALA A 463 -17.08 27.29 17.50
CA ALA A 463 -16.98 28.59 18.18
C ALA A 463 -16.14 29.56 17.36
N LEU A 464 -14.95 29.11 16.91
CA LEU A 464 -14.01 29.93 16.14
C LEU A 464 -14.51 30.32 14.75
N SER A 465 -15.58 29.65 14.27
CA SER A 465 -16.29 29.95 13.02
C SER A 465 -17.11 31.22 13.15
N GLN A 466 -17.25 31.74 14.40
CA GLN A 466 -17.98 32.96 14.75
C GLN A 466 -16.92 34.01 15.21
N PRO A 467 -16.19 34.68 14.26
CA PRO A 467 -15.09 35.58 14.67
C PRO A 467 -15.43 36.82 15.49
N LYS A 468 -16.69 37.27 15.47
CA LYS A 468 -17.12 38.46 16.20
C LYS A 468 -17.55 38.14 17.62
N ILE A 469 -17.76 36.85 17.91
CA ILE A 469 -18.21 36.37 19.22
C ILE A 469 -17.10 35.62 19.94
N TYR A 470 -16.61 34.50 19.35
CA TYR A 470 -15.58 33.65 19.94
C TYR A 470 -14.24 33.80 19.24
N ARG A 471 -13.19 34.01 20.05
CA ARG A 471 -11.79 34.19 19.65
C ARG A 471 -10.94 33.33 20.57
N LEU A 472 -9.62 33.27 20.32
CA LEU A 472 -8.70 32.50 21.15
C LEU A 472 -8.55 33.02 22.59
N ASN A 473 -8.75 34.33 22.78
CA ASN A 473 -8.66 35.03 24.07
C ASN A 473 -10.00 35.08 24.84
N THR A 474 -11.08 34.49 24.28
CA THR A 474 -12.41 34.45 24.91
C THR A 474 -12.35 33.63 26.19
N TRP A 475 -12.81 34.24 27.30
CA TRP A 475 -12.87 33.63 28.62
C TRP A 475 -14.06 32.68 28.70
N ILE A 476 -13.79 31.47 29.21
CA ILE A 476 -14.75 30.40 29.42
C ILE A 476 -14.77 30.07 30.92
N ALA A 477 -15.96 29.88 31.49
CA ALA A 477 -16.10 29.54 32.91
C ALA A 477 -15.60 28.11 33.17
N ASP A 478 -14.85 27.92 34.28
CA ASP A 478 -14.36 26.62 34.72
C ASP A 478 -14.78 26.51 36.18
N ALA A 479 -16.05 26.14 36.40
CA ALA A 479 -16.69 26.00 37.71
C ALA A 479 -17.67 24.81 37.72
N PRO A 480 -18.05 24.22 38.90
CA PRO A 480 -18.98 23.07 38.90
C PRO A 480 -20.23 23.17 37.99
N ILE A 481 -20.55 22.05 37.30
CA ILE A 481 -21.70 21.93 36.39
C ILE A 481 -22.68 20.85 36.91
N ALA A 482 -24.00 21.04 36.65
CA ALA A 482 -25.09 20.14 37.00
C ALA A 482 -26.16 20.26 35.93
N LEU A 483 -26.20 19.29 34.99
CA LEU A 483 -27.15 19.34 33.89
C LEU A 483 -28.29 18.36 33.98
N ARG A 484 -29.50 18.93 34.21
CA ARG A 484 -30.77 18.21 34.30
C ARG A 484 -31.03 17.58 32.93
N GLN A 485 -31.22 16.24 32.88
CA GLN A 485 -31.43 15.50 31.63
C GLN A 485 -32.86 14.88 31.48
N PRO A 486 -33.24 14.28 30.32
CA PRO A 486 -34.61 13.76 30.19
C PRO A 486 -35.03 12.44 30.87
N ASN A 487 -34.51 12.20 32.09
CA ASN A 487 -34.90 11.10 32.98
C ASN A 487 -35.06 11.64 34.40
N GLY A 488 -34.51 12.83 34.62
CA GLY A 488 -34.48 13.51 35.91
C GLY A 488 -33.09 13.44 36.52
N GLN A 489 -32.28 12.44 36.09
CA GLN A 489 -30.91 12.22 36.55
C GLN A 489 -30.02 13.44 36.27
N VAL A 490 -28.98 13.63 37.07
CA VAL A 490 -28.16 14.83 36.89
C VAL A 490 -26.77 14.54 36.35
N TRP A 491 -26.41 15.19 35.21
CA TRP A 491 -25.08 15.06 34.62
C TRP A 491 -24.14 16.11 35.19
N SER A 492 -23.13 15.66 35.92
CA SER A 492 -22.13 16.52 36.55
C SER A 492 -20.74 16.15 36.00
N PRO A 493 -20.32 16.70 34.83
CA PRO A 493 -18.98 16.32 34.31
C PRO A 493 -17.86 16.96 35.11
N GLN A 494 -16.73 16.26 35.18
CA GLN A 494 -15.55 16.70 35.90
C GLN A 494 -14.34 16.77 34.99
N ASN A 495 -13.36 17.61 35.37
CA ASN A 495 -12.08 17.71 34.67
C ASN A 495 -11.28 16.50 35.14
N ASP A 496 -10.42 15.92 34.26
CA ASP A 496 -9.59 14.74 34.54
C ASP A 496 -8.93 14.70 35.93
N ASP A 497 -8.55 15.88 36.47
CA ASP A 497 -7.90 16.02 37.79
C ASP A 497 -8.88 16.34 38.95
N ARG A 498 -10.19 16.55 38.63
CA ARG A 498 -11.29 16.91 39.54
C ARG A 498 -11.10 18.31 40.19
N ARG A 499 -10.27 19.15 39.55
CA ARG A 499 -9.96 20.51 40.00
C ARG A 499 -10.55 21.55 39.06
N TYR A 500 -10.62 22.80 39.54
CA TYR A 500 -11.11 23.95 38.79
C TYR A 500 -10.06 25.05 38.91
N SER A 501 -10.03 25.96 37.94
CA SER A 501 -9.13 27.10 37.89
C SER A 501 -9.41 28.02 39.06
N GLU A 502 -8.34 28.54 39.73
CA GLU A 502 -8.45 29.42 40.89
C GLU A 502 -9.40 30.61 40.59
N SER A 503 -9.18 31.31 39.48
CA SER A 503 -10.00 32.44 39.05
C SER A 503 -11.43 32.05 38.63
N GLY A 504 -11.68 30.76 38.44
CA GLY A 504 -12.97 30.24 38.01
C GLY A 504 -13.19 30.41 36.53
N ARG A 505 -12.10 30.68 35.77
CA ARG A 505 -12.15 30.92 34.33
C ARG A 505 -10.86 30.49 33.61
N VAL A 506 -10.96 30.19 32.31
CA VAL A 506 -9.86 29.80 31.42
C VAL A 506 -10.12 30.48 30.07
N MET A 507 -9.06 30.73 29.25
CA MET A 507 -9.22 31.29 27.92
C MET A 507 -9.42 30.11 26.96
N LEU A 508 -10.12 30.35 25.82
CA LEU A 508 -10.45 29.36 24.79
C LEU A 508 -9.22 28.56 24.35
N VAL A 509 -8.10 29.28 24.17
CA VAL A 509 -6.82 28.74 23.76
C VAL A 509 -6.27 27.65 24.70
N ASP A 510 -6.30 27.90 26.01
CA ASP A 510 -5.81 26.99 27.05
C ASP A 510 -6.80 25.85 27.34
N ALA A 511 -8.12 26.13 27.22
CA ALA A 511 -9.17 25.12 27.43
C ALA A 511 -8.98 23.92 26.48
N LEU A 512 -8.71 24.18 25.17
CA LEU A 512 -8.45 23.13 24.17
C LEU A 512 -7.02 22.56 24.27
N THR A 513 -6.00 23.43 24.55
CA THR A 513 -4.60 23.00 24.71
C THR A 513 -4.48 21.89 25.78
N ARG A 514 -5.19 22.06 26.90
CA ARG A 514 -5.18 21.16 28.04
C ARG A 514 -6.33 20.16 28.07
N SER A 515 -7.12 20.10 26.97
CA SER A 515 -8.27 19.19 26.84
C SER A 515 -9.20 19.22 28.09
N MET A 516 -9.53 20.44 28.56
CA MET A 516 -10.37 20.68 29.74
C MET A 516 -11.84 20.34 29.45
N ASN A 517 -12.44 19.42 30.25
CA ASN A 517 -13.82 18.93 30.06
C ASN A 517 -14.92 19.95 30.40
N VAL A 518 -14.91 20.47 31.63
CA VAL A 518 -15.86 21.48 32.14
C VAL A 518 -15.93 22.71 31.21
N PRO A 519 -14.81 23.38 30.84
CA PRO A 519 -14.89 24.49 29.86
C PRO A 519 -15.39 24.11 28.45
N THR A 520 -15.22 22.83 28.00
CA THR A 520 -15.68 22.35 26.68
C THR A 520 -17.22 22.19 26.66
N VAL A 521 -17.81 21.80 27.81
CA VAL A 521 -19.27 21.64 27.97
C VAL A 521 -19.94 23.02 27.97
N ASN A 522 -19.44 23.96 28.78
CA ASN A 522 -19.94 25.34 28.83
C ASN A 522 -19.91 26.02 27.46
N LEU A 523 -18.82 25.82 26.67
CA LEU A 523 -18.70 26.37 25.31
C LEU A 523 -19.70 25.73 24.38
N GLY A 524 -19.73 24.38 24.37
CA GLY A 524 -20.64 23.60 23.55
C GLY A 524 -22.10 23.89 23.83
N MET A 525 -22.47 24.01 25.11
CA MET A 525 -23.85 24.32 25.53
C MET A 525 -24.27 25.76 25.15
N ALA A 526 -23.30 26.70 25.09
CA ALA A 526 -23.53 28.09 24.70
C ALA A 526 -23.73 28.20 23.19
N LEU A 527 -23.09 27.31 22.42
CA LEU A 527 -23.23 27.28 20.96
C LEU A 527 -24.50 26.53 20.63
N GLY A 528 -24.82 25.56 21.48
CA GLY A 528 -25.96 24.67 21.31
C GLY A 528 -25.53 23.44 20.54
N LEU A 529 -26.03 22.27 20.95
CA LEU A 529 -25.76 20.99 20.30
C LEU A 529 -26.10 20.94 18.79
N PRO A 530 -27.22 21.53 18.26
CA PRO A 530 -27.45 21.48 16.80
C PRO A 530 -26.29 22.03 15.97
N ALA A 531 -25.66 23.12 16.45
CA ALA A 531 -24.52 23.78 15.81
C ALA A 531 -23.27 22.87 15.74
N VAL A 532 -22.89 22.24 16.88
CA VAL A 532 -21.74 21.32 16.96
C VAL A 532 -22.01 20.05 16.13
N THR A 533 -23.27 19.57 16.13
CA THR A 533 -23.73 18.40 15.34
C THR A 533 -23.52 18.67 13.84
N GLU A 534 -23.76 19.93 13.39
CA GLU A 534 -23.59 20.33 11.98
C GLU A 534 -22.13 20.35 11.52
N THR A 535 -21.19 20.77 12.39
CA THR A 535 -19.74 20.78 12.11
C THR A 535 -19.30 19.34 11.78
N TRP A 536 -19.73 18.36 12.63
CA TRP A 536 -19.50 16.92 12.50
C TRP A 536 -19.95 16.38 11.13
N ILE A 537 -21.10 16.90 10.63
CA ILE A 537 -21.66 16.53 9.32
C ILE A 537 -20.73 17.01 8.20
N LYS A 538 -20.32 18.31 8.25
CA LYS A 538 -19.40 18.95 7.31
C LYS A 538 -17.99 18.35 7.37
N LEU A 539 -17.54 17.90 8.55
CA LEU A 539 -16.25 17.22 8.71
C LEU A 539 -16.21 15.86 7.97
N GLY A 540 -17.40 15.26 7.76
CA GLY A 540 -17.58 14.01 7.02
C GLY A 540 -17.87 12.74 7.79
N VAL A 541 -18.20 12.85 9.09
CA VAL A 541 -18.52 11.68 9.93
C VAL A 541 -19.90 11.08 9.56
N PRO A 542 -20.16 9.76 9.84
CA PRO A 542 -21.45 9.18 9.45
C PRO A 542 -22.62 9.79 10.23
N LYS A 543 -23.63 10.28 9.50
CA LYS A 543 -24.83 10.97 10.00
C LYS A 543 -25.59 10.21 11.09
N ASP A 544 -25.66 8.87 10.99
CA ASP A 544 -26.37 7.97 11.91
C ASP A 544 -25.64 7.72 13.24
N GLN A 545 -24.41 8.23 13.39
CA GLN A 545 -23.63 8.06 14.61
C GLN A 545 -23.74 9.25 15.57
N LEU A 546 -24.33 10.38 15.10
CA LEU A 546 -24.51 11.59 15.91
C LEU A 546 -25.76 11.58 16.78
N HIS A 547 -25.55 11.55 18.10
CA HIS A 547 -26.65 11.53 19.07
C HIS A 547 -26.57 12.83 19.87
N PRO A 548 -27.34 13.88 19.45
CA PRO A 548 -27.17 15.21 20.05
C PRO A 548 -27.57 15.41 21.50
N VAL A 549 -26.74 14.92 22.43
CA VAL A 549 -26.93 15.09 23.88
C VAL A 549 -25.66 15.73 24.44
N PRO A 550 -25.68 16.45 25.60
CA PRO A 550 -24.45 17.10 26.09
C PRO A 550 -23.19 16.22 26.14
N ALA A 551 -23.35 14.92 26.40
CA ALA A 551 -22.27 13.95 26.49
C ALA A 551 -21.38 13.83 25.23
N MET A 552 -21.91 14.18 24.04
CA MET A 552 -21.20 14.08 22.77
C MET A 552 -20.09 15.12 22.62
N LEU A 553 -20.21 16.24 23.36
CA LEU A 553 -19.20 17.31 23.38
C LEU A 553 -17.88 16.77 23.96
N LEU A 554 -17.98 15.70 24.79
CA LEU A 554 -16.84 15.06 25.44
C LEU A 554 -16.47 13.67 24.93
N GLY A 555 -17.14 13.17 23.90
CA GLY A 555 -16.77 11.89 23.32
C GLY A 555 -17.78 10.78 23.23
N ALA A 556 -19.06 11.07 23.48
CA ALA A 556 -20.09 10.05 23.33
C ALA A 556 -20.46 10.04 21.84
N LEU A 557 -19.51 9.49 21.04
CA LEU A 557 -19.54 9.38 19.59
C LEU A 557 -18.60 8.22 19.22
N ASN A 558 -19.18 7.15 18.67
CA ASN A 558 -18.47 5.92 18.31
C ASN A 558 -18.14 5.86 16.83
N LEU A 559 -16.82 5.99 16.51
CA LEU A 559 -16.29 5.99 15.14
C LEU A 559 -15.17 4.97 14.97
N THR A 560 -14.89 4.60 13.71
CA THR A 560 -13.79 3.71 13.33
C THR A 560 -12.59 4.62 13.04
N PRO A 561 -11.30 4.19 13.19
CA PRO A 561 -10.18 5.09 12.85
C PRO A 561 -10.26 5.77 11.46
N ILE A 562 -10.80 5.07 10.42
CA ILE A 562 -10.95 5.67 9.08
C ILE A 562 -11.94 6.87 9.05
N GLU A 563 -13.03 6.78 9.83
CA GLU A 563 -14.05 7.83 9.95
C GLU A 563 -13.44 9.05 10.66
N VAL A 564 -12.57 8.80 11.66
CA VAL A 564 -11.83 9.81 12.41
C VAL A 564 -10.86 10.52 11.45
N ALA A 565 -10.21 9.75 10.55
CA ALA A 565 -9.25 10.27 9.55
C ALA A 565 -9.85 11.29 8.60
N GLN A 566 -11.14 11.10 8.24
CA GLN A 566 -11.89 12.00 7.36
C GLN A 566 -12.15 13.34 8.04
N ALA A 567 -12.59 13.29 9.33
CA ALA A 567 -12.92 14.46 10.15
C ALA A 567 -11.71 15.35 10.36
N PHE A 568 -10.56 14.76 10.70
CA PHE A 568 -9.32 15.50 10.90
C PHE A 568 -8.69 15.96 9.57
N GLN A 569 -8.95 15.24 8.45
CA GLN A 569 -8.46 15.66 7.12
C GLN A 569 -9.15 16.99 6.74
N THR A 570 -10.48 17.06 6.95
CA THR A 570 -11.32 18.22 6.66
C THR A 570 -10.75 19.50 7.28
N ILE A 571 -10.25 19.41 8.53
CA ILE A 571 -9.64 20.52 9.27
C ILE A 571 -8.17 20.75 8.90
N ALA A 572 -7.37 19.67 8.71
CA ALA A 572 -5.96 19.76 8.33
C ALA A 572 -5.73 20.41 6.96
N SER A 573 -6.72 20.29 6.04
CA SER A 573 -6.66 20.85 4.68
C SER A 573 -7.06 22.34 4.61
N GLY A 574 -7.31 22.95 5.76
CA GLY A 574 -7.73 24.34 5.85
C GLY A 574 -9.22 24.55 5.62
N GLY A 575 -10.02 23.52 5.96
CA GLY A 575 -11.48 23.55 5.87
C GLY A 575 -12.13 22.88 4.67
N ASN A 576 -11.35 22.18 3.82
CA ASN A 576 -11.89 21.47 2.65
C ASN A 576 -12.02 19.97 2.89
N ARG A 577 -13.27 19.46 2.88
CA ARG A 577 -13.56 18.03 3.06
C ARG A 577 -13.28 17.31 1.74
N ALA A 578 -12.27 16.43 1.76
CA ALA A 578 -11.90 15.66 0.58
C ALA A 578 -12.23 14.21 0.88
N PRO A 579 -13.28 13.66 0.24
CA PRO A 579 -13.65 12.27 0.53
C PRO A 579 -12.49 11.29 0.34
N LEU A 580 -12.17 10.53 1.41
CA LEU A 580 -11.08 9.54 1.46
C LEU A 580 -11.19 8.50 0.35
N SER A 581 -10.05 8.09 -0.22
CA SER A 581 -10.03 7.14 -1.33
C SER A 581 -8.72 6.38 -1.45
N ALA A 582 -8.80 5.16 -2.00
CA ALA A 582 -7.68 4.25 -2.28
C ALA A 582 -7.48 4.10 -3.80
N LEU A 583 -8.42 4.60 -4.61
CA LEU A 583 -8.37 4.46 -6.07
C LEU A 583 -7.91 5.70 -6.84
N ARG A 584 -6.84 5.55 -7.64
CA ARG A 584 -6.33 6.61 -8.51
C ARG A 584 -6.87 6.40 -9.93
N SER A 585 -6.93 5.12 -10.41
CA SER A 585 -7.45 4.72 -11.73
C SER A 585 -7.64 3.21 -11.92
N VAL A 586 -8.49 2.82 -12.89
CA VAL A 586 -8.79 1.45 -13.31
C VAL A 586 -8.68 1.45 -14.85
N ILE A 587 -7.63 0.79 -15.38
CA ILE A 587 -7.32 0.73 -16.82
C ILE A 587 -7.46 -0.70 -17.38
N ALA A 588 -8.10 -0.85 -18.55
CA ALA A 588 -8.26 -2.13 -19.28
C ALA A 588 -6.91 -2.48 -19.95
N GLU A 589 -6.72 -3.74 -20.42
CA GLU A 589 -5.45 -4.14 -21.07
C GLU A 589 -5.13 -3.40 -22.37
N ASP A 590 -6.18 -2.96 -23.09
CA ASP A 590 -6.11 -2.19 -24.34
C ASP A 590 -5.78 -0.71 -24.08
N GLY A 591 -5.83 -0.30 -22.80
CA GLY A 591 -5.57 1.07 -22.39
C GLY A 591 -6.80 1.92 -22.15
N LYS A 592 -8.01 1.30 -22.20
CA LYS A 592 -9.26 2.01 -21.98
C LYS A 592 -9.40 2.40 -20.52
N VAL A 593 -9.53 3.71 -20.26
CA VAL A 593 -9.71 4.26 -18.92
C VAL A 593 -11.14 3.91 -18.46
N LEU A 594 -11.25 2.84 -17.65
CA LEU A 594 -12.52 2.34 -17.11
C LEU A 594 -12.98 3.26 -15.97
N TYR A 595 -12.05 3.66 -15.09
CA TYR A 595 -12.32 4.59 -14.00
C TYR A 595 -11.17 5.58 -13.82
N GLN A 596 -11.51 6.87 -13.64
CA GLN A 596 -10.54 7.92 -13.41
C GLN A 596 -11.03 8.83 -12.31
N SER A 597 -10.31 8.84 -11.19
CA SER A 597 -10.59 9.68 -10.04
C SER A 597 -10.20 11.13 -10.38
N PHE A 598 -10.82 12.10 -9.71
CA PHE A 598 -10.60 13.53 -9.95
C PHE A 598 -10.80 14.33 -8.64
N PRO A 599 -10.28 15.58 -8.47
CA PRO A 599 -10.53 16.29 -7.22
C PRO A 599 -11.99 16.71 -7.06
N GLN A 600 -12.59 16.39 -5.90
CA GLN A 600 -13.98 16.71 -5.55
C GLN A 600 -14.10 17.31 -4.14
N ALA A 601 -13.03 18.01 -3.68
CA ALA A 601 -12.93 18.68 -2.37
C ALA A 601 -14.06 19.69 -2.17
N GLU A 602 -14.68 19.69 -0.99
CA GLU A 602 -15.80 20.57 -0.69
C GLU A 602 -15.52 21.46 0.51
N ARG A 603 -15.75 22.78 0.36
CA ARG A 603 -15.57 23.77 1.43
C ARG A 603 -16.57 23.42 2.54
N ALA A 604 -16.05 23.05 3.72
CA ALA A 604 -16.87 22.63 4.85
C ALA A 604 -16.93 23.72 5.91
N VAL A 605 -15.76 24.17 6.39
CA VAL A 605 -15.64 25.20 7.42
C VAL A 605 -14.73 26.34 6.93
N PRO A 606 -14.89 27.61 7.43
CA PRO A 606 -14.00 28.69 6.94
C PRO A 606 -12.52 28.42 7.17
N ALA A 607 -11.68 28.88 6.24
CA ALA A 607 -10.23 28.72 6.25
C ALA A 607 -9.60 29.19 7.56
N GLN A 608 -10.04 30.37 8.03
CA GLN A 608 -9.56 31.04 9.23
C GLN A 608 -9.92 30.29 10.50
N ALA A 609 -11.14 29.72 10.57
CA ALA A 609 -11.61 28.91 11.71
C ALA A 609 -10.78 27.63 11.85
N ALA A 610 -10.42 27.02 10.71
CA ALA A 610 -9.60 25.81 10.67
C ALA A 610 -8.14 26.13 11.02
N TYR A 611 -7.67 27.35 10.67
CA TYR A 611 -6.32 27.79 10.95
C TYR A 611 -6.12 27.94 12.46
N LEU A 612 -7.08 28.61 13.12
CA LEU A 612 -7.06 28.88 14.56
C LEU A 612 -7.16 27.61 15.40
N THR A 613 -7.82 26.57 14.86
CA THR A 613 -7.98 25.25 15.48
C THR A 613 -6.65 24.48 15.36
N LEU A 614 -6.01 24.53 14.16
CA LEU A 614 -4.72 23.92 13.83
C LEU A 614 -3.59 24.53 14.67
N TRP A 615 -3.60 25.88 14.83
CA TRP A 615 -2.63 26.65 15.63
C TRP A 615 -2.74 26.23 17.10
N THR A 616 -3.98 26.10 17.60
CA THR A 616 -4.28 25.66 18.97
C THR A 616 -3.84 24.20 19.12
N MET A 617 -4.02 23.38 18.05
CA MET A 617 -3.58 21.97 18.02
C MET A 617 -2.05 21.81 18.04
N GLN A 618 -1.30 22.86 17.62
CA GLN A 618 0.17 22.88 17.71
C GLN A 618 0.54 23.18 19.17
N GLN A 619 -0.39 23.84 19.92
CA GLN A 619 -0.19 24.18 21.33
C GLN A 619 -0.36 22.96 22.24
N VAL A 620 -1.30 22.05 21.92
CA VAL A 620 -1.51 20.81 22.68
C VAL A 620 -0.23 19.95 22.59
N VAL A 621 0.38 19.92 21.40
CA VAL A 621 1.60 19.18 21.11
C VAL A 621 2.84 19.81 21.73
N GLN A 622 2.93 21.15 21.75
CA GLN A 622 4.08 21.85 22.33
C GLN A 622 4.04 22.01 23.85
N ARG A 623 2.87 22.36 24.43
CA ARG A 623 2.77 22.63 25.88
C ARG A 623 1.64 21.95 26.66
N GLY A 624 0.65 21.40 25.95
CA GLY A 624 -0.50 20.74 26.55
C GLY A 624 -0.38 19.24 26.69
N THR A 625 -1.51 18.52 26.51
CA THR A 625 -1.64 17.05 26.64
C THR A 625 -0.62 16.18 25.87
N GLY A 626 -0.21 16.62 24.67
CA GLY A 626 0.75 15.92 23.83
C GLY A 626 2.17 16.47 23.83
N ARG A 627 2.55 17.19 24.91
CA ARG A 627 3.87 17.81 25.09
C ARG A 627 5.07 16.88 25.07
N GLN A 628 4.87 15.59 25.40
CA GLN A 628 5.93 14.58 25.38
C GLN A 628 6.40 14.34 23.95
N LEU A 629 5.47 14.37 22.97
CA LEU A 629 5.76 14.22 21.55
C LEU A 629 6.46 15.48 21.02
N GLY A 630 5.94 16.65 21.41
CA GLY A 630 6.47 17.95 20.98
C GLY A 630 7.95 18.12 21.25
N ALA A 631 8.38 17.71 22.45
CA ALA A 631 9.78 17.80 22.89
C ALA A 631 10.74 16.88 22.12
N LYS A 632 10.23 15.78 21.55
CA LYS A 632 10.99 14.81 20.77
C LYS A 632 11.22 15.29 19.34
N TYR A 633 10.20 15.95 18.75
CA TYR A 633 10.23 16.49 17.39
C TYR A 633 9.81 17.99 17.41
N PRO A 634 10.59 18.92 18.05
CA PRO A 634 10.12 20.32 18.13
C PRO A 634 10.06 21.06 16.80
N ASN A 635 10.91 20.66 15.84
CA ASN A 635 11.05 21.27 14.52
C ASN A 635 9.99 20.87 13.52
N LEU A 636 9.14 19.88 13.87
CA LEU A 636 8.04 19.41 13.04
C LEU A 636 6.78 20.25 13.24
N HIS A 637 6.65 20.94 14.41
CA HIS A 637 5.50 21.79 14.78
C HIS A 637 4.16 21.09 14.51
N LEU A 638 4.08 19.82 14.90
CA LEU A 638 2.93 18.93 14.72
C LEU A 638 1.67 19.48 15.38
N ALA A 639 0.54 19.42 14.66
CA ALA A 639 -0.77 19.76 15.21
C ALA A 639 -1.39 18.44 15.59
N GLY A 640 -1.80 18.32 16.84
CA GLY A 640 -2.39 17.08 17.33
C GLY A 640 -3.47 17.24 18.37
N LYS A 641 -4.01 16.08 18.81
CA LYS A 641 -5.05 15.93 19.83
C LYS A 641 -5.01 14.52 20.45
N THR A 642 -5.22 14.46 21.77
CA THR A 642 -5.16 13.25 22.59
C THR A 642 -6.54 12.69 22.91
N GLY A 643 -6.55 11.43 23.32
CA GLY A 643 -7.79 10.74 23.70
C GLY A 643 -7.54 9.57 24.62
N THR A 644 -8.24 9.56 25.75
CA THR A 644 -8.26 8.47 26.72
C THR A 644 -9.69 8.35 27.19
N THR A 645 -10.33 7.22 26.89
CA THR A 645 -11.70 7.01 27.31
C THR A 645 -11.73 6.59 28.78
N ASN A 646 -12.91 6.67 29.40
CA ASN A 646 -13.15 6.28 30.79
C ASN A 646 -12.78 4.80 30.94
N ASN A 647 -12.11 4.46 32.06
CA ASN A 647 -11.67 3.11 32.42
C ASN A 647 -10.59 2.53 31.48
N ASN A 648 -9.76 3.42 30.89
CA ASN A 648 -8.66 3.11 29.98
C ASN A 648 -9.01 2.02 28.95
N VAL A 649 -10.17 2.19 28.32
CA VAL A 649 -10.68 1.28 27.30
C VAL A 649 -9.96 1.60 25.98
N ASP A 650 -9.74 2.91 25.72
CA ASP A 650 -9.11 3.38 24.49
C ASP A 650 -8.16 4.52 24.71
N THR A 651 -7.12 4.57 23.86
CA THR A 651 -6.15 5.66 23.76
C THR A 651 -6.15 6.05 22.27
N TRP A 652 -6.23 7.34 22.01
CA TRP A 652 -6.26 7.88 20.65
C TRP A 652 -5.23 8.97 20.46
N PHE A 653 -4.80 9.13 19.19
CA PHE A 653 -3.94 10.22 18.77
C PHE A 653 -4.16 10.57 17.31
N ALA A 654 -4.44 11.87 17.08
CA ALA A 654 -4.65 12.47 15.77
C ALA A 654 -3.47 13.40 15.54
N GLY A 655 -2.57 13.00 14.66
CA GLY A 655 -1.35 13.78 14.39
C GLY A 655 -1.28 14.32 12.97
N ILE A 656 -0.96 15.61 12.86
CA ILE A 656 -0.84 16.32 11.58
C ILE A 656 0.56 16.89 11.35
N ASP A 657 1.22 16.42 10.28
CA ASP A 657 2.50 16.94 9.79
C ASP A 657 2.19 17.78 8.52
N GLY A 658 3.21 18.24 7.80
CA GLY A 658 3.03 19.04 6.59
C GLY A 658 2.35 18.34 5.42
N SER A 659 2.37 17.00 5.42
CA SER A 659 1.83 16.18 4.34
C SER A 659 0.68 15.22 4.69
N THR A 660 0.63 14.71 5.93
CA THR A 660 -0.37 13.69 6.31
C THR A 660 -1.14 13.94 7.61
N VAL A 661 -2.25 13.20 7.75
CA VAL A 661 -3.13 13.12 8.92
C VAL A 661 -2.96 11.65 9.33
N THR A 662 -2.59 11.42 10.59
CA THR A 662 -2.37 10.06 11.09
C THR A 662 -3.24 9.82 12.32
N ILE A 663 -4.16 8.83 12.22
CA ILE A 663 -5.05 8.46 13.32
C ILE A 663 -4.55 7.14 13.92
N THR A 664 -4.08 7.19 15.18
CA THR A 664 -3.59 6.01 15.90
C THR A 664 -4.56 5.67 17.03
N TRP A 665 -4.99 4.41 17.10
CA TRP A 665 -5.89 3.91 18.14
C TRP A 665 -5.25 2.72 18.84
N VAL A 666 -5.33 2.66 20.18
CA VAL A 666 -4.82 1.53 20.98
C VAL A 666 -5.89 1.17 22.01
N GLY A 667 -6.27 -0.10 22.01
CA GLY A 667 -7.27 -0.66 22.91
C GLY A 667 -7.38 -2.17 22.80
N ARG A 668 -8.26 -2.77 23.62
CA ARG A 668 -8.46 -4.21 23.67
C ARG A 668 -9.76 -4.60 22.99
N ASP A 669 -9.75 -5.71 22.23
CA ASP A 669 -10.89 -6.22 21.47
C ASP A 669 -12.17 -6.49 22.30
N ASN A 670 -11.99 -6.80 23.60
CA ASN A 670 -13.05 -7.10 24.57
C ASN A 670 -13.55 -5.86 25.35
N ASN A 671 -13.01 -4.65 25.03
CA ASN A 671 -13.30 -3.32 25.61
C ASN A 671 -12.90 -3.24 27.10
N GLN A 672 -11.74 -3.80 27.46
CA GLN A 672 -11.26 -3.81 28.85
C GLN A 672 -10.12 -2.82 29.19
N PRO A 673 -9.88 -2.48 30.49
CA PRO A 673 -8.80 -1.54 30.83
C PRO A 673 -7.43 -1.92 30.28
N THR A 674 -6.69 -0.90 29.81
CA THR A 674 -5.35 -1.00 29.22
C THR A 674 -4.27 -0.39 30.12
N LYS A 675 -4.68 0.17 31.29
CA LYS A 675 -3.85 0.89 32.28
C LYS A 675 -3.12 2.13 31.71
N LEU A 676 -3.37 2.46 30.43
CA LEU A 676 -2.78 3.59 29.70
C LEU A 676 -3.69 4.83 29.65
N TYR A 677 -3.13 6.00 30.05
CA TYR A 677 -3.78 7.33 30.11
C TYR A 677 -2.84 8.39 29.50
N GLY A 678 -3.42 9.52 29.06
CA GLY A 678 -2.69 10.62 28.44
C GLY A 678 -2.32 10.25 27.03
N ALA A 679 -3.17 9.40 26.40
CA ALA A 679 -3.03 8.80 25.08
C ALA A 679 -1.67 8.08 24.92
N SER A 680 -1.06 7.63 26.06
CA SER A 680 0.25 6.96 26.15
C SER A 680 0.46 5.78 25.22
N GLY A 681 -0.58 4.97 25.02
CA GLY A 681 -0.51 3.83 24.12
C GLY A 681 -0.39 4.29 22.69
N ALA A 682 -1.44 4.99 22.20
CA ALA A 682 -1.54 5.51 20.84
C ALA A 682 -0.48 6.56 20.49
N MET A 683 -0.08 7.38 21.48
CA MET A 683 0.93 8.44 21.30
C MET A 683 2.32 7.84 21.12
N SER A 684 2.64 6.74 21.83
CA SER A 684 3.95 6.08 21.71
C SER A 684 4.03 5.19 20.46
N ILE A 685 2.88 4.78 19.90
CA ILE A 685 2.83 4.04 18.63
C ILE A 685 3.09 5.05 17.52
N TYR A 686 2.52 6.27 17.65
CA TYR A 686 2.70 7.37 16.71
C TYR A 686 4.16 7.84 16.72
N GLN A 687 4.75 7.92 17.93
CA GLN A 687 6.13 8.32 18.19
C GLN A 687 7.08 7.42 17.39
N ARG A 688 6.79 6.12 17.37
CA ARG A 688 7.55 5.10 16.64
C ARG A 688 7.34 5.25 15.13
N TYR A 689 6.09 5.53 14.70
CA TYR A 689 5.74 5.74 13.30
C TYR A 689 6.55 6.92 12.74
N LEU A 690 6.70 7.99 13.54
CA LEU A 690 7.48 9.18 13.16
C LEU A 690 8.99 8.88 13.12
N ALA A 691 9.48 8.07 14.07
CA ALA A 691 10.87 7.66 14.18
C ALA A 691 11.29 6.69 13.08
N ASN A 692 10.30 5.97 12.48
CA ASN A 692 10.50 4.98 11.42
C ASN A 692 10.57 5.52 9.98
N GLN A 693 10.37 6.85 9.79
CA GLN A 693 10.42 7.53 8.49
C GLN A 693 10.82 9.00 8.61
N THR A 694 10.66 9.77 7.52
CA THR A 694 11.02 11.18 7.49
C THR A 694 9.72 12.02 7.43
N PRO A 695 9.17 12.46 8.60
CA PRO A 695 7.95 13.27 8.56
C PRO A 695 8.22 14.69 8.02
N THR A 696 7.17 15.35 7.48
CA THR A 696 7.27 16.69 6.89
C THR A 696 6.98 17.74 7.94
N PRO A 697 7.88 18.72 8.20
CA PRO A 697 7.57 19.76 9.18
C PRO A 697 6.28 20.53 8.86
N LEU A 698 5.44 20.77 9.87
CA LEU A 698 4.19 21.52 9.68
C LEU A 698 4.43 23.02 9.75
N ASN A 699 4.31 23.67 8.59
CA ASN A 699 4.45 25.12 8.45
C ASN A 699 3.11 25.67 8.01
N LEU A 700 2.38 26.25 8.98
CA LEU A 700 1.06 26.78 8.73
C LEU A 700 1.13 28.08 7.97
N VAL A 701 0.44 28.13 6.83
CA VAL A 701 0.32 29.33 6.00
C VAL A 701 -0.95 29.97 6.53
N PRO A 702 -0.87 31.16 7.15
CA PRO A 702 -2.09 31.78 7.67
C PRO A 702 -2.92 32.29 6.50
N PRO A 703 -4.25 31.99 6.42
CA PRO A 703 -5.03 32.50 5.27
C PRO A 703 -5.27 34.02 5.40
N GLU A 704 -6.18 34.60 4.56
CA GLU A 704 -6.47 36.05 4.60
C GLU A 704 -7.19 36.43 5.89
N ASP A 705 -7.02 37.67 6.32
CA ASP A 705 -7.64 38.24 7.53
C ASP A 705 -7.15 37.61 8.85
N ILE A 706 -5.88 37.15 8.86
CA ILE A 706 -5.25 36.60 10.07
C ILE A 706 -4.21 37.64 10.55
N ALA A 707 -4.39 38.13 11.78
CA ALA A 707 -3.52 39.13 12.38
C ALA A 707 -3.10 38.73 13.80
N ASP A 708 -1.79 38.67 14.03
CA ASP A 708 -1.20 38.33 15.32
C ASP A 708 -1.33 39.52 16.26
N MET A 709 -2.22 39.38 17.27
CA MET A 709 -2.51 40.46 18.20
C MET A 709 -2.04 40.14 19.60
N GLY A 710 -1.69 41.18 20.34
CA GLY A 710 -1.23 41.06 21.72
C GLY A 710 -2.34 41.29 22.73
N VAL A 711 -2.26 40.54 23.86
CA VAL A 711 -3.23 40.64 24.96
C VAL A 711 -2.46 40.88 26.27
N ASP A 712 -3.06 41.59 27.24
CA ASP A 712 -2.46 41.79 28.56
C ASP A 712 -2.83 40.58 29.43
N TYR A 713 -2.35 40.50 30.69
CA TYR A 713 -2.66 39.36 31.58
C TYR A 713 -4.16 39.10 31.78
N ASP A 714 -4.98 40.15 31.64
CA ASP A 714 -6.43 40.12 31.75
C ASP A 714 -7.14 39.49 30.53
N GLY A 715 -6.42 39.32 29.41
CA GLY A 715 -6.93 38.74 28.16
C GLY A 715 -7.63 39.72 27.24
N ASN A 716 -7.21 40.99 27.31
CA ASN A 716 -7.76 42.09 26.55
C ASN A 716 -6.74 42.61 25.54
N PHE A 717 -7.16 42.78 24.27
CA PHE A 717 -6.33 43.27 23.17
C PHE A 717 -5.68 44.62 23.46
N VAL A 718 -4.37 44.71 23.15
CA VAL A 718 -3.56 45.92 23.37
C VAL A 718 -2.97 46.40 22.01
N CYS A 719 -2.78 47.71 21.86
CA CYS A 719 -2.22 48.41 20.69
C CYS A 719 -0.82 47.93 20.38
N SER A 720 0.07 48.03 21.38
CA SER A 720 1.45 47.61 21.31
C SER A 720 1.78 46.77 22.52
N GLY A 721 2.68 45.83 22.34
CA GLY A 721 3.11 44.95 23.41
C GLY A 721 2.08 43.91 23.78
N GLY A 722 1.95 43.70 25.10
CA GLY A 722 1.12 42.66 25.68
C GLY A 722 2.01 41.49 26.03
N MET A 723 1.61 40.70 27.02
CA MET A 723 2.40 39.55 27.46
C MET A 723 2.16 38.28 26.64
N ARG A 724 1.19 38.30 25.68
CA ARG A 724 0.85 37.12 24.88
C ARG A 724 0.37 37.47 23.47
N ILE A 725 0.96 36.83 22.44
CA ILE A 725 0.57 37.04 21.04
C ILE A 725 -0.29 35.85 20.55
N LEU A 726 -1.49 36.15 20.03
CA LEU A 726 -2.44 35.14 19.53
C LEU A 726 -2.96 35.49 18.14
N PRO A 727 -3.04 34.53 17.17
CA PRO A 727 -3.59 34.87 15.85
C PRO A 727 -5.09 35.21 15.93
N VAL A 728 -5.56 36.20 15.15
CA VAL A 728 -6.97 36.64 15.20
C VAL A 728 -7.54 36.80 13.79
N TRP A 729 -8.81 36.38 13.61
CA TRP A 729 -9.55 36.53 12.36
C TRP A 729 -10.16 37.94 12.31
N THR A 730 -9.39 38.91 11.74
CA THR A 730 -9.76 40.33 11.56
C THR A 730 -9.11 40.89 10.29
N SER A 731 -9.88 41.73 9.58
CA SER A 731 -9.43 42.46 8.39
C SER A 731 -8.83 43.78 8.88
N ASP A 732 -9.27 44.24 10.06
CA ASP A 732 -8.81 45.47 10.69
C ASP A 732 -8.52 45.18 12.18
N PRO A 733 -7.23 44.93 12.54
CA PRO A 733 -6.86 44.66 13.94
C PRO A 733 -7.17 45.80 14.90
N GLN A 734 -8.14 46.64 14.55
CA GLN A 734 -8.56 47.73 15.40
C GLN A 734 -9.71 47.40 16.33
N SER A 735 -9.75 46.10 16.73
CA SER A 735 -10.59 45.53 17.77
C SER A 735 -9.81 45.93 19.03
N LEU A 736 -8.47 46.17 18.82
CA LEU A 736 -7.46 46.65 19.77
C LEU A 736 -7.91 47.97 20.40
N CYS A 737 -8.33 48.92 19.53
CA CYS A 737 -8.79 50.27 19.89
C CYS A 737 -10.03 50.18 20.72
N GLN A 738 -11.06 49.45 20.23
CA GLN A 738 -12.35 49.20 20.89
C GLN A 738 -12.10 48.55 22.26
N GLN A 739 -11.04 47.73 22.37
CA GLN A 739 -10.65 47.07 23.62
C GLN A 739 -9.89 48.05 24.52
N SER A 740 -8.84 48.73 23.99
CA SER A 740 -7.96 49.68 24.70
C SER A 740 -8.71 50.87 25.29
N GLU A 741 -9.81 51.31 24.63
CA GLU A 741 -10.63 52.46 25.05
C GLU A 741 -11.33 52.33 26.41
N MET A 742 -11.59 51.06 26.86
CA MET A 742 -12.26 50.65 28.12
C MET A 742 -12.35 51.71 29.23
ODF M0E B . 3.63 -37.99 -21.25
CDG M0E B . 4.35 -38.13 -20.31
CDH M0E B . 5.68 -37.33 -20.70
ODI M0E B . 6.67 -37.62 -20.32
ODJ M0E B . 5.60 -36.32 -21.41
CDK M0E B . 3.79 -37.18 -19.59
OBF M0E B . 4.32 -37.31 -18.31
PBI M0E B . 4.10 -36.02 -17.24
OBB M0E B . 4.13 -36.50 -15.91
OAZ M0E B . 2.61 -35.66 -17.42
OBG M0E B . 5.33 -34.91 -17.18
CAX M0E B . 6.30 -34.90 -15.85
OBE M0E B . 7.20 -35.98 -16.13
CAQ M0E B . 7.82 -35.88 -17.44
CAW M0E B . 8.63 -36.96 -17.99
OBD M0E B . 9.69 -37.28 -17.47
NAU M0E B . 8.25 -37.65 -19.32
CAO M0E B . 8.57 -34.65 -17.54
OBA M0E B . 9.16 -34.46 -18.84
CAS M0E B . 9.66 -34.76 -16.49
CAP M0E B . 7.69 -33.53 -17.15
OBH M0E B . 8.37 -32.26 -17.31
CAV M0E B . 7.89 -31.45 -18.36
OBC M0E B . 8.60 -30.53 -18.60
NAT M0E B . 6.76 -31.62 -18.99
CAR M0E B . 7.00 -33.59 -15.95
O1 M0E B . 5.96 -32.33 -16.16
C1 M0E B . 5.82 -31.80 -14.84
C2 M0E B . 4.84 -30.65 -14.79
C3 M0E B . 4.69 -30.29 -13.30
O3 M0E B . 3.39 -29.83 -13.04
N2 M0E B . 5.65 -29.86 -15.69
CAG M0E B . 5.27 -29.42 -16.96
CAH M0E B . 6.36 -28.58 -17.79
OAN M0E B . 4.18 -29.64 -17.45
O5 M0E B . 5.34 -32.82 -13.96
C5 M0E B . 5.69 -32.27 -12.62
C6 M0E B . 6.00 -33.28 -11.69
O6 M0E B . 5.71 -34.65 -12.23
CBJ M0E B . 5.99 -35.61 -11.18
OBS M0E B . 7.21 -36.34 -11.50
CBN M0E B . 7.34 -37.55 -10.76
CBO M0E B . 7.99 -38.26 -11.81
OBT M0E B . 8.75 -37.11 -12.16
CBM M0E B . 6.17 -38.41 -10.30
OBR M0E B . 6.52 -39.31 -9.44
CBL M0E B . 5.33 -37.20 -9.79
OBQ M0E B . 4.40 -37.41 -8.81
CBK M0E B . 4.70 -36.44 -10.81
OBP M0E B . 3.76 -35.65 -10.07
C4 M0E B . 4.46 -31.42 -12.38
O4 M0E B . 4.23 -30.98 -11.04
CBU M0E B . 2.96 -30.84 -10.57
CBV M0E B . 3.01 -30.51 -9.07
CBW M0E B . 1.66 -30.49 -8.52
OCD M0E B . 1.64 -29.88 -7.05
NCC M0E B . 3.83 -31.58 -8.43
CCA M0E B . 5.27 -31.58 -8.46
CCB M0E B . 6.12 -32.62 -7.77
OCG M0E B . 5.79 -30.72 -9.05
OCF M0E B . 2.19 -29.82 -11.29
CBY M0E B . 0.86 -29.68 -10.74
CBZ M0E B . 0.17 -28.34 -11.20
CBX M0E B . 0.82 -29.52 -9.21
OCE M0E B . -0.58 -29.66 -8.73
CCH M0E B . -0.90 -28.74 -7.77
OCP M0E B . -0.10 -29.03 -6.69
CCI M0E B . -2.42 -28.79 -7.38
OCN M0E B . -3.13 -28.40 -8.54
CCJ M0E B . -2.74 -27.83 -6.32
OCO M0E B . -3.99 -28.10 -5.70
CCK M0E B . -1.81 -28.07 -5.13
OCR M0E B . -2.29 -29.22 -4.54
CCL M0E B . -0.35 -28.08 -5.57
CCM M0E B . 0.53 -28.41 -4.40
OCQ M0E B . 1.05 -29.44 -4.36
NCS M0E B . 0.78 -27.64 -3.42
C7 AZR C . -8.82 13.14 30.12
S8 AZR C . -15.81 9.63 26.51
O9 AZR C . -9.92 11.98 26.03
O10 AZR C . -13.11 12.98 28.52
O11 AZR C . -12.07 10.69 31.12
N12 AZR C . -8.12 13.93 27.98
N13 AZR C . -11.11 11.88 28.46
N14 AZR C . -12.95 10.12 30.26
N15 AZR C . -14.43 8.59 28.22
N16 AZR C . -15.83 6.94 27.10
S17 AZR C . -6.68 13.42 27.46
C18 AZR C . -8.90 12.95 28.61
C19 AZR C . -10.29 12.94 28.00
C20 AZR C . -10.12 13.01 26.66
C21 AZR C . -12.49 11.98 28.70
C22 AZR C . -13.17 10.72 29.12
C23 AZR C . -12.45 10.48 32.49
C24 AZR C . -14.16 10.11 28.19
C25 AZR C . -14.98 10.75 27.18
C26 AZR C . -15.41 8.29 27.25
C27 AZR C . -12.08 11.75 33.29
C28 AZR C . -13.97 10.19 32.54
C29 AZR C . -11.66 9.29 33.05
O30 AZR C . -12.21 8.50 33.84
O31 AZR C . -10.43 9.09 32.73
O32 AZR C . -6.71 12.35 26.52
O33 AZR C . -5.92 14.52 26.99
O34 AZR C . -6.02 12.82 28.57
#